data_2DVB
#
_entry.id   2DVB
#
_cell.length_a   125.74
_cell.length_b   124.33
_cell.length_c   75.50
_cell.angle_alpha   90.00
_cell.angle_beta   90.00
_cell.angle_gamma   90.00
#
_symmetry.space_group_name_H-M   'P 21 21 2'
#
loop_
_entity.id
_entity.type
_entity.pdbx_description
1 polymer 'Galactose-binding lectin'
2 branched beta-D-galactopyranose-(1-6)-2-acetamido-2-deoxy-beta-D-galactopyranose
3 non-polymer 'CALCIUM ION'
4 non-polymer 'MANGANESE (II) ION'
5 non-polymer 'SULFATE ION'
6 non-polymer beta-D-galactopyranose
7 water water
#
_entity_poly.entity_id   1
_entity_poly.type   'polypeptide(L)'
_entity_poly.pdbx_seq_one_letter_code
;AETVSFNFNSFSEGNPAINFQGDVTVLSNGNIQLTNLNKVNSVGRVLYAMPVRIWSSATGNVASFLTSFSFEMKDIKDYD
PADGIIFFIAPEDTQIPAGSIGGGTLGVSDTKGAGHFVGVEFDTYSNSEYNDPPTDHVGIDVNSVDSVKTVPWNSVSGAV
VKVTVIYDSSTKTLSVAVTNDNGDITTIAQVVDLKAKLPERVKFGFSASGSLGGRQIHLIRSWSFTSTLITTTRRS
;
_entity_poly.pdbx_strand_id   A,B,C,D
#
loop_
_chem_comp.id
_chem_comp.type
_chem_comp.name
_chem_comp.formula
CA non-polymer 'CALCIUM ION' 'Ca 2'
GAL D-saccharide, beta linking beta-D-galactopyranose 'C6 H12 O6'
MN non-polymer 'MANGANESE (II) ION' 'Mn 2'
NGA D-saccharide, beta linking 2-acetamido-2-deoxy-beta-D-galactopyranose 'C8 H15 N O6'
SO4 non-polymer 'SULFATE ION' 'O4 S -2'
#
# COMPACT_ATOMS: atom_id res chain seq x y z
N ALA A 1 -14.11 -9.06 2.35
CA ALA A 1 -12.91 -9.03 1.46
C ALA A 1 -11.66 -9.41 2.25
N GLU A 2 -11.12 -10.59 1.99
CA GLU A 2 -9.93 -11.06 2.68
C GLU A 2 -8.69 -10.91 1.80
N THR A 3 -7.80 -10.01 2.19
CA THR A 3 -6.59 -9.71 1.43
C THR A 3 -5.25 -9.95 2.12
N VAL A 4 -4.31 -10.47 1.35
CA VAL A 4 -2.94 -10.71 1.81
C VAL A 4 -2.00 -9.99 0.85
N SER A 5 -1.25 -9.03 1.36
CA SER A 5 -0.32 -8.30 0.54
C SER A 5 0.99 -8.00 1.26
N PHE A 6 2.09 -8.20 0.54
CA PHE A 6 3.42 -7.98 1.11
C PHE A 6 4.35 -7.54 -0.01
N ASN A 7 5.50 -6.99 0.36
CA ASN A 7 6.45 -6.51 -0.63
C ASN A 7 7.87 -6.59 -0.11
N PHE A 8 8.66 -7.49 -0.70
CA PHE A 8 10.06 -7.70 -0.35
C PHE A 8 10.95 -7.05 -1.38
N ASN A 9 11.72 -6.04 -0.97
CA ASN A 9 12.63 -5.35 -1.87
C ASN A 9 14.00 -6.01 -1.70
N SER A 10 14.13 -6.78 -0.62
CA SER A 10 15.35 -7.50 -0.29
C SER A 10 14.98 -8.48 0.82
N PHE A 11 15.95 -9.28 1.27
CA PHE A 11 15.69 -10.26 2.30
C PHE A 11 16.74 -10.33 3.41
N SER A 12 16.41 -11.07 4.47
CA SER A 12 17.31 -11.26 5.60
C SER A 12 16.99 -12.61 6.25
N GLU A 13 18.02 -13.31 6.71
CA GLU A 13 17.85 -14.62 7.32
C GLU A 13 16.94 -14.64 8.55
N GLY A 14 16.87 -13.50 9.24
CA GLY A 14 16.04 -13.44 10.43
C GLY A 14 14.59 -13.03 10.21
N ASN A 15 14.22 -12.74 8.97
CA ASN A 15 12.85 -12.31 8.69
C ASN A 15 11.88 -13.48 8.86
N PRO A 16 11.07 -13.44 9.92
CA PRO A 16 10.09 -14.49 10.23
C PRO A 16 9.05 -14.72 9.14
N ALA A 17 8.85 -13.75 8.27
CA ALA A 17 7.87 -13.90 7.19
C ALA A 17 8.37 -14.85 6.11
N ILE A 18 9.58 -15.37 6.26
CA ILE A 18 10.17 -16.27 5.27
C ILE A 18 10.61 -17.63 5.83
N ASN A 19 10.16 -18.69 5.17
CA ASN A 19 10.51 -20.06 5.54
C ASN A 19 11.60 -20.51 4.58
N PHE A 20 12.77 -20.86 5.08
CA PHE A 20 13.85 -21.32 4.20
C PHE A 20 13.93 -22.86 4.25
N GLN A 21 14.02 -23.49 3.08
CA GLN A 21 14.10 -24.94 3.00
C GLN A 21 15.30 -25.34 2.16
N GLY A 22 16.02 -26.37 2.57
CA GLY A 22 17.16 -26.81 1.79
C GLY A 22 18.40 -25.95 1.83
N ASP A 23 19.11 -25.90 0.70
CA ASP A 23 20.37 -25.14 0.60
C ASP A 23 20.25 -23.64 0.43
N VAL A 24 19.07 -23.10 0.69
CA VAL A 24 18.85 -21.66 0.55
C VAL A 24 19.79 -20.84 1.42
N THR A 25 20.23 -19.70 0.88
CA THR A 25 21.10 -18.82 1.64
C THR A 25 20.73 -17.38 1.29
N VAL A 26 21.13 -16.44 2.15
CA VAL A 26 20.85 -15.04 1.90
C VAL A 26 22.17 -14.30 1.71
N LEU A 27 22.32 -13.64 0.57
CA LEU A 27 23.53 -12.90 0.26
C LEU A 27 23.55 -11.55 0.98
N SER A 28 24.75 -11.01 1.17
CA SER A 28 24.91 -9.75 1.87
C SER A 28 24.17 -8.61 1.19
N ASN A 29 23.80 -8.79 -0.08
CA ASN A 29 23.08 -7.75 -0.81
C ASN A 29 21.56 -7.91 -0.67
N GLY A 30 21.14 -8.88 0.14
CA GLY A 30 19.71 -9.10 0.34
C GLY A 30 19.13 -10.16 -0.59
N ASN A 31 19.89 -10.55 -1.60
CA ASN A 31 19.43 -11.56 -2.53
C ASN A 31 19.37 -12.93 -1.88
N ILE A 32 18.38 -13.72 -2.29
CA ILE A 32 18.25 -15.07 -1.80
C ILE A 32 18.96 -15.92 -2.85
N GLN A 33 19.78 -16.87 -2.42
CA GLN A 33 20.46 -17.75 -3.34
C GLN A 33 19.87 -19.11 -3.00
N LEU A 34 19.16 -19.70 -3.95
CA LEU A 34 18.48 -20.97 -3.72
C LEU A 34 19.32 -22.24 -3.71
N THR A 35 20.37 -22.32 -4.53
CA THR A 35 21.17 -23.54 -4.54
C THR A 35 22.61 -23.39 -4.07
N ASN A 36 23.14 -24.47 -3.52
CA ASN A 36 24.51 -24.52 -3.03
C ASN A 36 25.34 -24.96 -4.24
N LEU A 37 26.28 -24.12 -4.66
CA LEU A 37 27.13 -24.40 -5.81
C LEU A 37 28.05 -25.62 -5.63
N ASN A 38 28.32 -25.98 -4.40
CA ASN A 38 29.20 -27.11 -4.12
C ASN A 38 28.54 -28.44 -3.77
N LYS A 39 27.21 -28.45 -3.68
CA LYS A 39 26.48 -29.68 -3.36
C LYS A 39 25.93 -30.38 -4.59
N VAL A 40 25.94 -31.71 -4.56
CA VAL A 40 25.41 -32.54 -5.63
C VAL A 40 23.87 -32.53 -5.44
N ASN A 41 23.13 -32.47 -6.54
CA ASN A 41 21.67 -32.46 -6.47
C ASN A 41 21.14 -31.46 -5.45
N SER A 42 21.72 -30.28 -5.41
CA SER A 42 21.32 -29.24 -4.48
C SER A 42 19.85 -28.82 -4.64
N VAL A 43 19.22 -28.44 -3.53
CA VAL A 43 17.83 -27.98 -3.56
C VAL A 43 17.60 -26.90 -2.52
N GLY A 44 17.05 -25.78 -2.96
CA GLY A 44 16.77 -24.68 -2.05
C GLY A 44 15.41 -24.10 -2.36
N ARG A 45 14.64 -23.76 -1.33
CA ARG A 45 13.32 -23.19 -1.56
C ARG A 45 13.06 -22.13 -0.52
N VAL A 46 12.28 -21.13 -0.90
CA VAL A 46 11.91 -20.05 0.00
C VAL A 46 10.38 -19.92 -0.08
N LEU A 47 9.75 -19.68 1.06
CA LEU A 47 8.30 -19.54 1.10
C LEU A 47 7.83 -18.39 1.99
N TYR A 48 6.70 -17.81 1.61
CA TYR A 48 6.10 -16.77 2.42
C TYR A 48 5.62 -17.60 3.60
N ALA A 49 6.18 -17.35 4.77
CA ALA A 49 5.87 -18.10 5.99
C ALA A 49 4.40 -18.27 6.32
N MET A 50 3.56 -17.35 5.89
CA MET A 50 2.15 -17.41 6.22
C MET A 50 1.30 -18.21 5.23
N PRO A 51 0.52 -19.18 5.74
CA PRO A 51 -0.29 -19.93 4.80
C PRO A 51 -1.35 -18.98 4.27
N VAL A 52 -1.69 -19.12 2.99
CA VAL A 52 -2.69 -18.26 2.38
C VAL A 52 -3.92 -19.07 2.03
N ARG A 53 -5.08 -18.47 2.28
CA ARG A 53 -6.35 -19.08 2.00
C ARG A 53 -6.75 -18.65 0.58
N ILE A 54 -6.60 -19.54 -0.39
CA ILE A 54 -6.92 -19.23 -1.78
C ILE A 54 -8.37 -19.48 -2.20
N TRP A 55 -9.10 -20.29 -1.43
CA TRP A 55 -10.49 -20.56 -1.75
C TRP A 55 -11.28 -20.98 -0.51
N SER A 56 -12.57 -20.63 -0.49
CA SER A 56 -13.43 -20.95 0.64
C SER A 56 -14.26 -22.20 0.44
N SER A 57 -14.23 -23.08 1.45
CA SER A 57 -15.00 -24.32 1.42
C SER A 57 -16.44 -23.99 1.82
N ALA A 58 -16.65 -22.78 2.31
CA ALA A 58 -17.96 -22.33 2.73
C ALA A 58 -18.72 -21.59 1.63
N THR A 59 -17.99 -20.91 0.75
CA THR A 59 -18.61 -20.16 -0.33
C THR A 59 -18.26 -20.68 -1.72
N GLY A 60 -17.19 -21.44 -1.81
CA GLY A 60 -16.75 -21.97 -3.09
C GLY A 60 -15.91 -20.92 -3.81
N ASN A 61 -15.84 -19.72 -3.25
CA ASN A 61 -15.08 -18.63 -3.84
C ASN A 61 -13.58 -18.92 -3.93
N VAL A 62 -12.97 -18.41 -5.00
CA VAL A 62 -11.54 -18.57 -5.20
C VAL A 62 -10.94 -17.18 -5.28
N ALA A 63 -9.78 -17.01 -4.67
CA ALA A 63 -9.13 -15.72 -4.66
C ALA A 63 -8.45 -15.42 -5.99
N SER A 64 -8.24 -14.13 -6.23
CA SER A 64 -7.52 -13.67 -7.42
C SER A 64 -6.23 -13.11 -6.82
N PHE A 65 -5.16 -13.08 -7.60
CA PHE A 65 -3.92 -12.51 -7.08
C PHE A 65 -3.02 -11.88 -8.15
N LEU A 66 -2.25 -10.89 -7.70
CA LEU A 66 -1.32 -10.19 -8.57
C LEU A 66 0.00 -10.31 -7.85
N THR A 67 1.02 -10.79 -8.55
CA THR A 67 2.32 -10.95 -7.93
C THR A 67 3.46 -10.66 -8.91
N SER A 68 4.47 -9.95 -8.45
CA SER A 68 5.61 -9.63 -9.28
C SER A 68 6.90 -10.00 -8.57
N PHE A 69 7.88 -10.40 -9.36
CA PHE A 69 9.17 -10.74 -8.80
C PHE A 69 10.27 -10.63 -9.83
N SER A 70 11.51 -10.57 -9.36
CA SER A 70 12.66 -10.47 -10.24
C SER A 70 13.71 -11.46 -9.75
N PHE A 71 14.23 -12.27 -10.66
CA PHE A 71 15.25 -13.25 -10.33
C PHE A 71 16.45 -13.08 -11.24
N GLU A 72 17.47 -13.90 -11.03
CA GLU A 72 18.67 -13.87 -11.84
C GLU A 72 19.37 -15.21 -11.80
N MET A 73 19.70 -15.73 -12.97
CA MET A 73 20.44 -16.98 -13.04
C MET A 73 21.77 -16.67 -13.72
N LYS A 74 22.87 -17.16 -13.15
CA LYS A 74 24.18 -16.88 -13.73
C LYS A 74 25.07 -18.13 -13.79
N ASP A 75 25.69 -18.34 -14.96
CA ASP A 75 26.56 -19.47 -15.16
C ASP A 75 27.77 -19.41 -14.23
N ILE A 76 28.33 -20.57 -13.94
CA ILE A 76 29.51 -20.66 -13.12
C ILE A 76 30.46 -21.58 -13.87
N LYS A 77 31.74 -21.48 -13.56
CA LYS A 77 32.72 -22.35 -14.20
C LYS A 77 32.64 -23.61 -13.36
N ASP A 78 32.41 -24.76 -13.98
CA ASP A 78 32.22 -24.90 -15.41
C ASP A 78 31.19 -26.01 -15.57
N TYR A 79 30.21 -25.98 -14.67
CA TYR A 79 29.12 -26.93 -14.66
C TYR A 79 28.14 -26.49 -15.74
N ASP A 80 27.23 -27.37 -16.11
CA ASP A 80 26.22 -27.02 -17.10
C ASP A 80 25.30 -26.03 -16.39
N PRO A 81 24.90 -24.96 -17.07
CA PRO A 81 24.02 -23.98 -16.41
C PRO A 81 22.62 -24.58 -16.25
N ALA A 82 22.39 -25.23 -15.11
CA ALA A 82 21.09 -25.85 -14.81
C ALA A 82 20.78 -25.66 -13.32
N ASP A 83 19.54 -25.94 -12.90
CA ASP A 83 18.46 -26.42 -13.75
C ASP A 83 17.36 -25.39 -13.97
N GLY A 84 17.28 -24.41 -13.09
CA GLY A 84 16.26 -23.40 -13.22
C GLY A 84 15.54 -23.03 -11.94
N ILE A 85 14.52 -22.20 -12.09
CA ILE A 85 13.74 -21.71 -10.96
C ILE A 85 12.24 -21.89 -11.20
N ILE A 86 11.49 -22.14 -10.14
CA ILE A 86 10.07 -22.27 -10.30
C ILE A 86 9.30 -21.55 -9.20
N PHE A 87 8.36 -20.73 -9.64
CA PHE A 87 7.52 -20.01 -8.72
C PHE A 87 6.39 -21.01 -8.50
N PHE A 88 6.19 -21.46 -7.26
CA PHE A 88 5.14 -22.43 -7.02
C PHE A 88 4.14 -22.12 -5.90
N ILE A 89 3.06 -22.90 -5.91
CA ILE A 89 1.98 -22.81 -4.94
C ILE A 89 1.78 -24.26 -4.51
N ALA A 90 1.75 -24.51 -3.21
CA ALA A 90 1.59 -25.87 -2.73
C ALA A 90 0.97 -25.91 -1.34
N PRO A 91 0.56 -27.11 -0.88
CA PRO A 91 -0.05 -27.26 0.44
C PRO A 91 0.86 -26.60 1.48
N GLU A 92 0.25 -26.07 2.55
CA GLU A 92 1.02 -25.38 3.57
C GLU A 92 2.08 -26.21 4.28
N ASP A 93 2.05 -27.52 4.12
CA ASP A 93 3.02 -28.40 4.77
C ASP A 93 4.07 -28.85 3.76
N THR A 94 4.07 -28.20 2.61
CA THR A 94 5.02 -28.54 1.54
C THR A 94 6.46 -28.53 2.06
N GLN A 95 7.22 -29.55 1.66
CA GLN A 95 8.61 -29.67 2.05
C GLN A 95 9.34 -30.27 0.86
N ILE A 96 10.65 -30.04 0.76
CA ILE A 96 11.40 -30.61 -0.35
C ILE A 96 11.12 -32.11 -0.37
N PRO A 97 10.73 -32.65 -1.53
CA PRO A 97 10.45 -34.09 -1.63
C PRO A 97 11.55 -34.97 -1.03
N ALA A 98 11.15 -36.07 -0.40
CA ALA A 98 12.11 -36.98 0.20
C ALA A 98 13.01 -37.56 -0.89
N GLY A 99 14.30 -37.70 -0.56
CA GLY A 99 15.25 -38.25 -1.52
C GLY A 99 15.34 -37.48 -2.83
N SER A 100 15.09 -36.18 -2.80
CA SER A 100 15.15 -35.34 -3.98
C SER A 100 16.45 -35.48 -4.76
N ILE A 101 16.34 -35.71 -6.07
CA ILE A 101 17.53 -35.82 -6.91
C ILE A 101 17.84 -34.45 -7.49
N GLY A 102 16.98 -33.47 -7.17
CA GLY A 102 17.17 -32.13 -7.67
C GLY A 102 17.10 -32.14 -9.18
N GLY A 103 18.02 -31.40 -9.83
CA GLY A 103 18.01 -31.39 -11.28
C GLY A 103 16.71 -30.95 -11.89
N GLY A 104 16.24 -31.72 -12.87
CA GLY A 104 15.00 -31.41 -13.56
C GLY A 104 13.73 -31.38 -12.72
N THR A 105 13.81 -31.88 -11.49
CA THR A 105 12.64 -31.88 -10.61
C THR A 105 12.36 -30.48 -10.08
N LEU A 106 13.36 -29.60 -10.19
CA LEU A 106 13.27 -28.22 -9.73
C LEU A 106 12.97 -28.14 -8.23
N GLY A 107 13.22 -29.23 -7.52
CA GLY A 107 12.97 -29.27 -6.09
C GLY A 107 11.50 -29.33 -5.68
N VAL A 108 10.59 -29.50 -6.64
CA VAL A 108 9.17 -29.55 -6.30
C VAL A 108 8.48 -30.88 -6.65
N SER A 109 9.20 -31.79 -7.32
CA SER A 109 8.62 -33.08 -7.71
C SER A 109 9.51 -34.27 -7.39
N ASP A 110 9.01 -35.46 -7.69
CA ASP A 110 9.77 -36.69 -7.44
C ASP A 110 10.49 -37.11 -8.71
N THR A 111 11.23 -38.21 -8.63
CA THR A 111 11.99 -38.70 -9.78
C THR A 111 11.15 -38.80 -11.04
N LYS A 112 9.89 -39.20 -10.91
CA LYS A 112 9.01 -39.33 -12.06
C LYS A 112 8.53 -37.94 -12.51
N GLY A 113 8.84 -36.93 -11.73
CA GLY A 113 8.44 -35.56 -12.07
C GLY A 113 7.08 -35.14 -11.56
N ALA A 114 6.49 -35.92 -10.66
CA ALA A 114 5.18 -35.59 -10.12
C ALA A 114 5.28 -35.07 -8.67
N GLY A 115 4.27 -34.31 -8.28
CA GLY A 115 4.23 -33.75 -6.95
C GLY A 115 2.92 -33.00 -6.79
N HIS A 116 2.72 -32.36 -5.64
CA HIS A 116 1.50 -31.60 -5.40
C HIS A 116 1.85 -30.12 -5.38
N PHE A 117 1.62 -29.45 -6.51
CA PHE A 117 1.92 -28.04 -6.63
C PHE A 117 1.42 -27.49 -7.96
N VAL A 118 1.41 -26.17 -8.05
CA VAL A 118 1.02 -25.45 -9.26
C VAL A 118 2.11 -24.39 -9.36
N GLY A 119 2.71 -24.23 -10.53
CA GLY A 119 3.76 -23.24 -10.65
C GLY A 119 4.17 -22.76 -12.03
N VAL A 120 5.02 -21.73 -12.05
CA VAL A 120 5.53 -21.18 -13.29
C VAL A 120 7.04 -21.45 -13.25
N GLU A 121 7.51 -22.28 -14.16
CA GLU A 121 8.91 -22.63 -14.21
C GLU A 121 9.70 -21.87 -15.27
N PHE A 122 10.96 -21.64 -14.96
CA PHE A 122 11.91 -20.94 -15.82
C PHE A 122 13.03 -21.95 -15.95
N ASP A 123 12.80 -22.85 -16.90
CA ASP A 123 13.65 -23.98 -17.20
C ASP A 123 14.83 -23.73 -18.14
N THR A 124 16.03 -24.06 -17.68
CA THR A 124 17.26 -23.86 -18.46
C THR A 124 17.96 -25.12 -18.98
N TYR A 125 17.38 -26.29 -18.75
CA TYR A 125 17.99 -27.52 -19.23
C TYR A 125 16.91 -28.48 -19.68
N SER A 126 17.01 -28.95 -20.92
CA SER A 126 16.03 -29.87 -21.46
C SER A 126 16.13 -31.33 -20.96
N ASN A 127 15.20 -31.72 -20.09
CA ASN A 127 15.14 -33.07 -19.55
C ASN A 127 14.13 -33.88 -20.37
N SER A 128 14.65 -34.72 -21.26
CA SER A 128 13.79 -35.54 -22.12
C SER A 128 12.85 -36.42 -21.31
N GLU A 129 13.26 -36.79 -20.10
CA GLU A 129 12.44 -37.62 -19.24
C GLU A 129 11.22 -36.87 -18.70
N TYR A 130 11.15 -35.56 -18.97
CA TYR A 130 10.01 -34.75 -18.52
C TYR A 130 9.36 -34.05 -19.71
N ASN A 131 9.75 -34.48 -20.92
CA ASN A 131 9.22 -33.94 -22.16
C ASN A 131 9.45 -32.45 -22.37
N ASP A 132 10.58 -31.94 -21.89
CA ASP A 132 10.89 -30.53 -22.06
C ASP A 132 11.13 -30.20 -23.51
N PRO A 133 10.84 -28.94 -23.88
CA PRO A 133 11.07 -28.51 -25.27
C PRO A 133 12.58 -28.56 -25.44
N PRO A 134 13.09 -28.38 -26.67
CA PRO A 134 14.54 -28.43 -26.86
C PRO A 134 15.36 -27.24 -26.34
N THR A 135 14.71 -26.11 -26.09
CA THR A 135 15.42 -24.92 -25.62
C THR A 135 14.88 -24.42 -24.28
N ASP A 136 15.55 -23.42 -23.71
CA ASP A 136 15.10 -22.85 -22.44
C ASP A 136 13.63 -22.48 -22.64
N HIS A 137 12.89 -22.38 -21.55
CA HIS A 137 11.47 -22.08 -21.68
C HIS A 137 10.79 -21.72 -20.38
N VAL A 138 9.63 -21.11 -20.51
CA VAL A 138 8.81 -20.73 -19.37
C VAL A 138 7.67 -21.73 -19.44
N GLY A 139 7.33 -22.33 -18.32
CA GLY A 139 6.24 -23.29 -18.33
C GLY A 139 5.23 -23.11 -17.22
N ILE A 140 4.05 -23.69 -17.42
CA ILE A 140 2.98 -23.66 -16.43
C ILE A 140 2.87 -25.11 -15.99
N ASP A 141 3.17 -25.39 -14.73
CA ASP A 141 3.13 -26.76 -14.25
C ASP A 141 1.98 -26.99 -13.26
N VAL A 142 1.37 -28.16 -13.35
CA VAL A 142 0.28 -28.52 -12.44
C VAL A 142 0.55 -29.94 -11.99
N ASN A 143 1.04 -30.08 -10.76
CA ASN A 143 1.35 -31.36 -10.16
C ASN A 143 2.45 -32.13 -10.90
N SER A 144 3.15 -31.48 -11.83
CA SER A 144 4.20 -32.16 -12.57
C SER A 144 5.14 -31.23 -13.31
N VAL A 145 6.41 -31.61 -13.40
CA VAL A 145 7.41 -30.79 -14.13
C VAL A 145 7.27 -31.04 -15.63
N ASP A 146 6.38 -31.96 -16.00
CA ASP A 146 6.10 -32.24 -17.39
C ASP A 146 5.01 -31.19 -17.65
N SER A 147 5.43 -30.01 -18.04
CA SER A 147 4.53 -28.88 -18.26
C SER A 147 3.27 -29.09 -19.09
N VAL A 148 2.16 -28.59 -18.56
CA VAL A 148 0.87 -28.66 -19.24
C VAL A 148 1.02 -27.83 -20.51
N LYS A 149 1.79 -26.76 -20.40
CA LYS A 149 2.07 -25.86 -21.53
C LYS A 149 3.40 -25.14 -21.31
N THR A 150 4.11 -24.85 -22.39
CA THR A 150 5.39 -24.13 -22.32
C THR A 150 5.48 -23.12 -23.46
N VAL A 151 6.47 -22.24 -23.38
CA VAL A 151 6.70 -21.25 -24.43
C VAL A 151 8.21 -21.07 -24.59
N PRO A 152 8.69 -20.85 -25.81
CA PRO A 152 10.14 -20.67 -25.97
C PRO A 152 10.64 -19.43 -25.24
N TRP A 153 11.76 -19.58 -24.52
CA TRP A 153 12.34 -18.46 -23.79
C TRP A 153 13.85 -18.61 -23.79
N ASN A 154 14.56 -17.58 -23.34
CA ASN A 154 16.00 -17.64 -23.29
C ASN A 154 16.52 -17.06 -21.98
N SER A 155 17.29 -17.87 -21.25
CA SER A 155 17.85 -17.43 -19.99
C SER A 155 19.25 -16.87 -20.23
N VAL A 156 19.42 -15.57 -19.96
CA VAL A 156 20.68 -14.89 -20.14
C VAL A 156 21.48 -14.87 -18.84
N SER A 157 22.72 -15.36 -18.90
CA SER A 157 23.57 -15.40 -17.73
C SER A 157 23.80 -13.99 -17.18
N GLY A 158 23.51 -13.81 -15.89
CA GLY A 158 23.71 -12.51 -15.27
C GLY A 158 22.65 -11.47 -15.60
N ALA A 159 21.56 -11.89 -16.22
CA ALA A 159 20.50 -10.94 -16.56
C ALA A 159 19.43 -10.90 -15.49
N VAL A 160 19.01 -9.70 -15.13
CA VAL A 160 17.95 -9.56 -14.14
C VAL A 160 16.65 -9.74 -14.91
N VAL A 161 15.80 -10.63 -14.43
CA VAL A 161 14.55 -10.90 -15.11
C VAL A 161 13.35 -10.48 -14.26
N LYS A 162 12.43 -9.76 -14.88
CA LYS A 162 11.23 -9.30 -14.19
C LYS A 162 10.04 -10.14 -14.64
N VAL A 163 9.18 -10.48 -13.69
CA VAL A 163 8.01 -11.30 -13.97
C VAL A 163 6.74 -10.80 -13.26
N THR A 164 5.63 -10.77 -13.99
CA THR A 164 4.36 -10.36 -13.40
C THR A 164 3.36 -11.47 -13.67
N VAL A 165 2.63 -11.89 -12.65
CA VAL A 165 1.66 -12.96 -12.80
C VAL A 165 0.28 -12.50 -12.33
N ILE A 166 -0.76 -12.91 -13.05
CA ILE A 166 -2.13 -12.55 -12.68
C ILE A 166 -3.00 -13.78 -12.69
N TYR A 167 -3.63 -14.09 -11.56
CA TYR A 167 -4.53 -15.22 -11.54
C TYR A 167 -5.94 -14.65 -11.34
N ASP A 168 -6.80 -14.87 -12.33
CA ASP A 168 -8.16 -14.39 -12.25
C ASP A 168 -9.03 -15.58 -11.86
N SER A 169 -9.61 -15.52 -10.66
CA SER A 169 -10.44 -16.61 -10.16
C SER A 169 -11.65 -16.98 -11.01
N SER A 170 -12.35 -15.99 -11.55
CA SER A 170 -13.52 -16.28 -12.37
C SER A 170 -13.24 -17.16 -13.57
N THR A 171 -12.26 -16.76 -14.38
CA THR A 171 -11.90 -17.54 -15.56
C THR A 171 -10.85 -18.59 -15.23
N LYS A 172 -10.35 -18.56 -14.00
CA LYS A 172 -9.32 -19.52 -13.58
C LYS A 172 -8.10 -19.42 -14.48
N THR A 173 -7.82 -18.21 -14.96
CA THR A 173 -6.67 -18.02 -15.84
C THR A 173 -5.43 -17.53 -15.09
N LEU A 174 -4.32 -18.20 -15.36
CA LEU A 174 -3.03 -17.86 -14.76
C LEU A 174 -2.18 -17.32 -15.90
N SER A 175 -2.01 -16.00 -15.97
CA SER A 175 -1.22 -15.41 -17.03
C SER A 175 0.09 -14.82 -16.54
N VAL A 176 1.16 -15.17 -17.24
CA VAL A 176 2.52 -14.76 -16.92
C VAL A 176 3.13 -13.84 -17.98
N ALA A 177 3.79 -12.78 -17.52
CA ALA A 177 4.46 -11.83 -18.40
C ALA A 177 5.93 -11.73 -17.98
N VAL A 178 6.82 -12.19 -18.84
CA VAL A 178 8.25 -12.18 -18.54
C VAL A 178 9.01 -11.11 -19.33
N THR A 179 9.61 -10.17 -18.61
CA THR A 179 10.35 -9.10 -19.25
C THR A 179 11.84 -9.43 -19.27
N ASN A 180 12.34 -9.70 -20.48
CA ASN A 180 13.74 -10.05 -20.70
C ASN A 180 14.75 -8.94 -20.58
N ASP A 181 16.00 -9.33 -20.82
CA ASP A 181 17.16 -8.44 -20.76
C ASP A 181 17.04 -7.37 -21.83
N ASN A 182 16.81 -7.80 -23.07
CA ASN A 182 16.70 -6.89 -24.20
C ASN A 182 15.36 -6.12 -24.25
N GLY A 183 14.63 -6.12 -23.15
CA GLY A 183 13.36 -5.40 -23.11
C GLY A 183 12.20 -6.10 -23.79
N ASP A 184 12.44 -7.30 -24.31
CA ASP A 184 11.40 -8.08 -24.98
C ASP A 184 10.54 -8.77 -23.91
N ILE A 185 9.26 -8.96 -24.21
CA ILE A 185 8.40 -9.67 -23.26
C ILE A 185 7.97 -11.01 -23.83
N THR A 186 7.88 -12.00 -22.95
CA THR A 186 7.45 -13.32 -23.34
C THR A 186 6.24 -13.62 -22.46
N THR A 187 5.15 -14.10 -23.04
CA THR A 187 3.97 -14.41 -22.21
C THR A 187 3.47 -15.83 -22.41
N ILE A 188 2.76 -16.31 -21.39
CA ILE A 188 2.16 -17.63 -21.42
C ILE A 188 1.00 -17.60 -20.42
N ALA A 189 -0.13 -18.19 -20.81
CA ALA A 189 -1.31 -18.21 -19.97
C ALA A 189 -1.98 -19.56 -20.10
N GLN A 190 -2.54 -20.04 -18.99
CA GLN A 190 -3.21 -21.33 -18.95
C GLN A 190 -4.32 -21.36 -17.90
N VAL A 191 -5.46 -21.91 -18.24
CA VAL A 191 -6.56 -22.01 -17.29
C VAL A 191 -6.17 -23.11 -16.30
N VAL A 192 -6.14 -22.77 -15.01
CA VAL A 192 -5.79 -23.73 -13.97
C VAL A 192 -6.76 -23.56 -12.79
N ASP A 193 -7.55 -24.59 -12.53
CA ASP A 193 -8.53 -24.56 -11.44
C ASP A 193 -7.83 -24.85 -10.11
N LEU A 194 -7.36 -23.82 -9.42
CA LEU A 194 -6.66 -24.00 -8.15
C LEU A 194 -7.53 -24.69 -7.10
N LYS A 195 -8.82 -24.38 -7.11
CA LYS A 195 -9.77 -24.97 -6.17
C LYS A 195 -9.77 -26.49 -6.34
N ALA A 196 -9.63 -26.95 -7.57
CA ALA A 196 -9.63 -28.39 -7.83
C ALA A 196 -8.25 -29.03 -7.70
N LYS A 197 -7.20 -28.21 -7.76
CA LYS A 197 -5.84 -28.75 -7.69
C LYS A 197 -5.14 -28.62 -6.34
N LEU A 198 -5.50 -27.61 -5.57
CA LEU A 198 -4.87 -27.37 -4.29
C LEU A 198 -5.86 -27.21 -3.15
N PRO A 199 -5.42 -27.49 -1.91
CA PRO A 199 -6.29 -27.36 -0.74
C PRO A 199 -6.57 -25.88 -0.50
N GLU A 200 -7.46 -25.58 0.44
CA GLU A 200 -7.83 -24.20 0.76
C GLU A 200 -6.67 -23.34 1.27
N ARG A 201 -5.82 -23.93 2.10
CA ARG A 201 -4.68 -23.22 2.65
C ARG A 201 -3.40 -23.65 1.97
N VAL A 202 -2.65 -22.69 1.43
CA VAL A 202 -1.39 -22.98 0.74
C VAL A 202 -0.30 -21.96 1.03
N LYS A 203 0.89 -22.22 0.52
CA LYS A 203 2.02 -21.31 0.68
C LYS A 203 2.61 -21.05 -0.70
N PHE A 204 3.01 -19.81 -0.95
CA PHE A 204 3.61 -19.43 -2.22
C PHE A 204 5.13 -19.33 -2.03
N GLY A 205 5.89 -19.49 -3.10
CA GLY A 205 7.33 -19.39 -2.97
C GLY A 205 8.14 -19.70 -4.21
N PHE A 206 9.43 -19.91 -4.01
CA PHE A 206 10.35 -20.23 -5.10
C PHE A 206 11.23 -21.42 -4.79
N SER A 207 11.57 -22.18 -5.83
CA SER A 207 12.43 -23.35 -5.67
C SER A 207 13.38 -23.44 -6.85
N ALA A 208 14.57 -23.99 -6.61
CA ALA A 208 15.57 -24.14 -7.66
C ALA A 208 16.42 -25.35 -7.29
N SER A 209 17.04 -25.96 -8.30
CA SER A 209 17.86 -27.15 -8.03
C SER A 209 18.93 -27.35 -9.09
N GLY A 210 19.89 -28.21 -8.74
CA GLY A 210 20.97 -28.54 -9.64
C GLY A 210 21.24 -30.03 -9.52
N SER A 211 22.20 -30.52 -10.29
CA SER A 211 22.54 -31.95 -10.25
C SER A 211 24.05 -32.03 -10.05
N LEU A 212 24.64 -33.20 -10.30
CA LEU A 212 26.08 -33.33 -10.13
C LEU A 212 26.80 -32.51 -11.21
N GLY A 213 26.30 -32.58 -12.43
CA GLY A 213 26.90 -31.84 -13.52
C GLY A 213 26.22 -30.53 -13.84
N GLY A 214 24.96 -30.38 -13.43
CA GLY A 214 24.24 -29.16 -13.70
C GLY A 214 24.12 -28.23 -12.52
N ARG A 215 24.80 -27.09 -12.59
CA ARG A 215 24.76 -26.13 -11.51
C ARG A 215 24.84 -24.71 -12.06
N GLN A 216 24.31 -23.75 -11.31
CA GLN A 216 24.34 -22.35 -11.70
C GLN A 216 23.80 -21.55 -10.55
N ILE A 217 24.08 -20.26 -10.55
CA ILE A 217 23.61 -19.37 -9.52
C ILE A 217 22.14 -19.03 -9.77
N HIS A 218 21.30 -19.29 -8.77
CA HIS A 218 19.86 -19.01 -8.85
C HIS A 218 19.56 -17.96 -7.78
N LEU A 219 19.17 -16.76 -8.20
CA LEU A 219 18.89 -15.68 -7.25
C LEU A 219 17.49 -15.11 -7.37
N ILE A 220 16.84 -14.91 -6.23
CA ILE A 220 15.53 -14.30 -6.19
C ILE A 220 15.88 -12.92 -5.62
N ARG A 221 15.51 -11.86 -6.32
CA ARG A 221 15.87 -10.51 -5.86
C ARG A 221 14.75 -9.75 -5.17
N SER A 222 13.52 -9.86 -5.66
CA SER A 222 12.41 -9.17 -5.03
C SER A 222 11.10 -9.93 -5.23
N TRP A 223 10.07 -9.52 -4.49
CA TRP A 223 8.78 -10.19 -4.57
C TRP A 223 7.68 -9.39 -3.90
N SER A 224 6.66 -9.02 -4.67
CA SER A 224 5.52 -8.30 -4.12
C SER A 224 4.34 -9.21 -4.43
N PHE A 225 3.30 -9.13 -3.61
CA PHE A 225 2.16 -10.02 -3.79
C PHE A 225 0.90 -9.49 -3.15
N THR A 226 -0.23 -9.83 -3.74
CA THR A 226 -1.52 -9.42 -3.22
C THR A 226 -2.54 -10.42 -3.69
N SER A 227 -3.23 -11.04 -2.74
CA SER A 227 -4.29 -11.96 -3.06
C SER A 227 -5.52 -11.42 -2.36
N THR A 228 -6.67 -11.54 -3.02
CA THR A 228 -7.91 -11.06 -2.45
C THR A 228 -8.99 -12.11 -2.64
N LEU A 229 -9.66 -12.45 -1.55
CA LEU A 229 -10.72 -13.43 -1.58
C LEU A 229 -11.98 -12.71 -1.15
N ILE A 230 -13.00 -12.77 -1.99
CA ILE A 230 -14.26 -12.13 -1.64
C ILE A 230 -14.93 -12.97 -0.56
N THR A 231 -15.32 -12.33 0.53
CA THR A 231 -15.98 -13.02 1.64
C THR A 231 -17.34 -12.40 1.88
N THR A 232 -17.42 -11.53 2.89
CA THR A 232 -18.65 -10.85 3.24
C THR A 232 -18.32 -9.70 4.19
N ALA B 1 15.92 -3.17 4.92
CA ALA B 1 14.81 -2.95 5.88
C ALA B 1 13.85 -4.13 5.88
N GLU B 2 13.23 -4.38 7.03
CA GLU B 2 12.30 -5.48 7.19
C GLU B 2 10.95 -4.96 7.68
N THR B 3 9.96 -5.01 6.81
CA THR B 3 8.63 -4.49 7.14
C THR B 3 7.47 -5.49 7.16
N VAL B 4 6.60 -5.31 8.14
CA VAL B 4 5.39 -6.12 8.31
C VAL B 4 4.23 -5.13 8.24
N SER B 5 3.39 -5.27 7.23
CA SER B 5 2.27 -4.37 7.11
C SER B 5 1.02 -5.12 6.70
N PHE B 6 -0.13 -4.58 7.09
CA PHE B 6 -1.40 -5.20 6.76
C PHE B 6 -2.55 -4.26 7.06
N ASN B 7 -3.70 -4.54 6.46
CA ASN B 7 -4.86 -3.70 6.68
C ASN B 7 -6.13 -4.55 6.66
N PHE B 8 -6.87 -4.48 7.76
CA PHE B 8 -8.12 -5.23 7.90
C PHE B 8 -9.27 -4.24 7.98
N ASN B 9 -10.21 -4.34 7.06
CA ASN B 9 -11.38 -3.46 7.05
C ASN B 9 -12.51 -4.25 7.70
N SER B 10 -12.28 -5.55 7.81
CA SER B 10 -13.23 -6.48 8.41
C SER B 10 -12.43 -7.76 8.67
N PHE B 11 -13.08 -8.72 9.33
CA PHE B 11 -12.42 -9.97 9.65
C PHE B 11 -13.31 -11.14 9.29
N SER B 12 -12.72 -12.33 9.16
CA SER B 12 -13.47 -13.52 8.83
C SER B 12 -12.78 -14.72 9.43
N GLU B 13 -13.57 -15.69 9.88
CA GLU B 13 -12.99 -16.89 10.47
C GLU B 13 -12.31 -17.68 9.37
N GLY B 14 -11.20 -18.33 9.71
CA GLY B 14 -10.50 -19.11 8.70
C GLY B 14 -9.26 -18.43 8.17
N ASN B 15 -9.22 -17.10 8.20
CA ASN B 15 -8.06 -16.38 7.71
C ASN B 15 -6.84 -16.79 8.53
N PRO B 16 -5.94 -17.59 7.95
CA PRO B 16 -4.74 -18.05 8.65
C PRO B 16 -3.83 -16.95 9.20
N ALA B 17 -4.05 -15.72 8.74
CA ALA B 17 -3.26 -14.58 9.19
C ALA B 17 -3.67 -14.10 10.58
N ILE B 18 -4.64 -14.79 11.18
CA ILE B 18 -5.11 -14.40 12.50
C ILE B 18 -5.21 -15.57 13.47
N ASN B 19 -4.78 -15.32 14.71
CA ASN B 19 -4.82 -16.31 15.78
C ASN B 19 -5.94 -15.94 16.74
N PHE B 20 -6.95 -16.81 16.84
CA PHE B 20 -8.07 -16.56 17.75
C PHE B 20 -7.86 -17.35 19.04
N GLN B 21 -7.97 -16.69 20.18
CA GLN B 21 -7.79 -17.36 21.45
C GLN B 21 -8.98 -17.09 22.36
N GLY B 22 -9.39 -18.10 23.11
CA GLY B 22 -10.49 -17.92 24.03
C GLY B 22 -11.88 -17.82 23.43
N ASP B 23 -12.67 -16.89 23.95
CA ASP B 23 -14.05 -16.71 23.51
C ASP B 23 -14.32 -15.82 22.31
N VAL B 24 -13.26 -15.41 21.61
CA VAL B 24 -13.41 -14.54 20.45
C VAL B 24 -14.35 -15.13 19.40
N THR B 25 -15.04 -14.26 18.67
CA THR B 25 -15.94 -14.70 17.61
C THR B 25 -15.98 -13.65 16.51
N VAL B 26 -16.31 -14.07 15.29
CA VAL B 26 -16.41 -13.16 14.16
C VAL B 26 -17.89 -13.07 13.79
N LEU B 27 -18.45 -11.87 13.86
CA LEU B 27 -19.86 -11.66 13.55
C LEU B 27 -20.08 -11.65 12.04
N SER B 28 -21.34 -11.79 11.64
CA SER B 28 -21.71 -11.80 10.24
C SER B 28 -21.30 -10.52 9.52
N ASN B 29 -21.07 -9.45 10.28
CA ASN B 29 -20.68 -8.17 9.70
C ASN B 29 -19.16 -7.96 9.59
N GLY B 30 -18.38 -9.00 9.78
CA GLY B 30 -16.93 -8.86 9.68
C GLY B 30 -16.26 -8.42 10.97
N ASN B 31 -17.05 -7.93 11.92
CA ASN B 31 -16.53 -7.48 13.20
C ASN B 31 -16.10 -8.66 14.06
N ILE B 32 -15.08 -8.44 14.88
CA ILE B 32 -14.59 -9.45 15.81
C ILE B 32 -15.20 -9.14 17.18
N GLN B 33 -15.85 -10.11 17.80
CA GLN B 33 -16.42 -9.91 19.14
C GLN B 33 -15.50 -10.70 20.08
N LEU B 34 -14.80 -9.99 20.96
CA LEU B 34 -13.84 -10.60 21.86
C LEU B 34 -14.34 -11.43 23.04
N THR B 35 -15.46 -11.06 23.66
CA THR B 35 -15.93 -11.84 24.81
C THR B 35 -17.28 -12.50 24.62
N ASN B 36 -17.46 -13.63 25.30
CA ASN B 36 -18.72 -14.38 25.26
C ASN B 36 -19.61 -13.84 26.38
N LEU B 37 -20.77 -13.34 26.01
CA LEU B 37 -21.71 -12.74 26.97
C LEU B 37 -22.32 -13.68 28.01
N ASN B 38 -22.25 -14.98 27.78
CA ASN B 38 -22.83 -15.93 28.72
C ASN B 38 -21.81 -16.64 29.60
N LYS B 39 -20.53 -16.39 29.34
CA LYS B 39 -19.47 -17.01 30.11
C LYS B 39 -18.97 -16.16 31.27
N VAL B 40 -18.68 -16.82 32.39
CA VAL B 40 -18.15 -16.16 33.57
C VAL B 40 -16.67 -15.90 33.27
N ASN B 41 -16.15 -14.76 33.72
CA ASN B 41 -14.74 -14.45 33.51
C ASN B 41 -14.32 -14.71 32.06
N SER B 42 -15.12 -14.23 31.12
CA SER B 42 -14.82 -14.43 29.71
C SER B 42 -13.56 -13.70 29.28
N VAL B 43 -12.85 -14.31 28.34
CA VAL B 43 -11.63 -13.75 27.77
C VAL B 43 -11.44 -14.25 26.34
N GLY B 44 -11.25 -13.31 25.42
CA GLY B 44 -11.03 -13.62 24.04
C GLY B 44 -9.93 -12.71 23.51
N ARG B 45 -9.02 -13.27 22.72
CA ARG B 45 -7.96 -12.46 22.17
C ARG B 45 -7.77 -12.79 20.70
N VAL B 46 -7.26 -11.83 19.96
CA VAL B 46 -6.98 -12.01 18.55
C VAL B 46 -5.59 -11.43 18.31
N LEU B 47 -4.73 -12.18 17.64
CA LEU B 47 -3.37 -11.72 17.36
C LEU B 47 -3.06 -11.84 15.87
N TYR B 48 -2.19 -10.98 15.37
CA TYR B 48 -1.81 -11.12 13.98
C TYR B 48 -0.95 -12.37 14.10
N ALA B 49 -1.24 -13.39 13.29
CA ALA B 49 -0.51 -14.65 13.37
C ALA B 49 0.96 -14.60 12.93
N MET B 50 1.39 -13.46 12.39
CA MET B 50 2.77 -13.34 11.92
C MET B 50 3.62 -12.68 13.00
N PRO B 51 4.63 -13.40 13.50
CA PRO B 51 5.47 -12.78 14.53
C PRO B 51 6.19 -11.58 13.94
N VAL B 52 6.26 -10.50 14.72
CA VAL B 52 6.92 -9.29 14.28
C VAL B 52 8.22 -9.11 15.03
N ARG B 53 9.27 -8.89 14.27
CA ARG B 53 10.62 -8.70 14.78
C ARG B 53 10.77 -7.23 15.17
N ILE B 54 10.59 -6.92 16.46
CA ILE B 54 10.69 -5.54 16.93
C ILE B 54 12.10 -5.05 17.24
N TRP B 55 13.04 -5.96 17.40
CA TRP B 55 14.42 -5.57 17.63
C TRP B 55 15.39 -6.69 17.31
N SER B 56 16.60 -6.30 16.91
CA SER B 56 17.65 -7.24 16.54
C SER B 56 18.75 -7.34 17.57
N SER B 57 19.10 -8.56 17.96
CA SER B 57 20.16 -8.77 18.93
C SER B 57 21.52 -8.68 18.21
N ALA B 58 21.47 -8.69 16.88
CA ALA B 58 22.69 -8.61 16.08
C ALA B 58 23.10 -7.16 15.90
N THR B 59 22.15 -6.31 15.54
CA THR B 59 22.44 -4.90 15.33
C THR B 59 22.06 -4.07 16.54
N GLY B 60 21.14 -4.59 17.34
CA GLY B 60 20.69 -3.86 18.52
C GLY B 60 19.64 -2.83 18.14
N ASN B 61 19.27 -2.81 16.86
CA ASN B 61 18.27 -1.89 16.36
C ASN B 61 16.87 -2.24 16.83
N VAL B 62 16.02 -1.24 16.91
CA VAL B 62 14.63 -1.41 17.33
C VAL B 62 13.71 -0.85 16.25
N ALA B 63 12.61 -1.55 16.02
CA ALA B 63 11.66 -1.13 14.99
C ALA B 63 10.78 0.02 15.44
N SER B 64 10.18 0.66 14.45
CA SER B 64 9.24 1.75 14.66
C SER B 64 7.94 1.20 14.08
N PHE B 65 6.80 1.73 14.52
CA PHE B 65 5.54 1.26 13.94
C PHE B 65 4.38 2.24 14.05
N LEU B 66 3.49 2.15 13.07
CA LEU B 66 2.31 2.98 12.99
C LEU B 66 1.16 2.01 12.86
N THR B 67 0.12 2.21 13.67
CA THR B 67 -1.02 1.32 13.61
C THR B 67 -2.29 2.08 13.96
N SER B 68 -3.39 1.68 13.33
CA SER B 68 -4.67 2.32 13.58
C SER B 68 -5.73 1.25 13.72
N PHE B 69 -6.76 1.55 14.50
CA PHE B 69 -7.85 0.61 14.68
C PHE B 69 -9.08 1.29 15.24
N SER B 70 -10.20 0.60 15.16
CA SER B 70 -11.44 1.14 15.67
C SER B 70 -12.15 0.02 16.40
N PHE B 71 -12.75 0.35 17.54
CA PHE B 71 -13.45 -0.64 18.32
C PHE B 71 -14.78 -0.07 18.78
N GLU B 72 -15.55 -0.89 19.47
CA GLU B 72 -16.83 -0.46 20.01
C GLU B 72 -17.23 -1.33 21.17
N MET B 73 -17.57 -0.67 22.29
CA MET B 73 -18.03 -1.38 23.47
C MET B 73 -19.50 -0.94 23.63
N LYS B 74 -20.36 -1.90 23.94
CA LYS B 74 -21.77 -1.61 24.07
C LYS B 74 -22.39 -2.35 25.24
N ASP B 75 -23.07 -1.60 26.09
CA ASP B 75 -23.72 -2.16 27.26
C ASP B 75 -24.72 -3.25 26.91
N ILE B 76 -25.05 -4.05 27.92
CA ILE B 76 -26.04 -5.11 27.78
C ILE B 76 -26.74 -5.19 29.12
N LYS B 77 -27.86 -5.91 29.15
CA LYS B 77 -28.66 -6.13 30.35
C LYS B 77 -28.13 -7.47 30.86
N ASP B 78 -27.96 -7.66 32.18
CA ASP B 78 -28.20 -6.69 33.24
C ASP B 78 -26.85 -6.51 33.93
N TYR B 79 -25.79 -6.93 33.24
CA TYR B 79 -24.43 -6.85 33.76
C TYR B 79 -23.83 -5.46 33.75
N ASP B 80 -22.79 -5.27 34.56
CA ASP B 80 -22.08 -4.01 34.60
C ASP B 80 -21.25 -3.96 33.32
N PRO B 81 -21.16 -2.79 32.68
CA PRO B 81 -20.39 -2.68 31.43
C PRO B 81 -18.88 -2.76 31.71
N ALA B 82 -18.34 -3.97 31.69
CA ALA B 82 -16.92 -4.21 31.95
C ALA B 82 -16.42 -5.36 31.05
N ASP B 83 -15.10 -5.55 30.94
CA ASP B 83 -14.09 -4.75 31.63
C ASP B 83 -13.28 -3.81 30.73
N GLY B 84 -13.39 -3.97 29.42
CA GLY B 84 -12.64 -3.12 28.52
C GLY B 84 -11.79 -3.86 27.52
N ILE B 85 -10.99 -3.10 26.77
CA ILE B 85 -10.14 -3.69 25.74
C ILE B 85 -8.69 -3.21 25.84
N ILE B 86 -7.75 -4.07 25.48
CA ILE B 86 -6.36 -3.64 25.49
C ILE B 86 -5.64 -4.07 24.22
N PHE B 87 -4.97 -3.09 23.60
CA PHE B 87 -4.18 -3.36 22.41
C PHE B 87 -2.85 -3.76 23.04
N PHE B 88 -2.36 -4.95 22.76
CA PHE B 88 -1.10 -5.37 23.37
C PHE B 88 -0.04 -5.98 22.50
N ILE B 89 1.14 -6.15 23.08
CA ILE B 89 2.31 -6.72 22.42
C ILE B 89 2.91 -7.75 23.38
N ALA B 90 3.14 -8.97 22.92
CA ALA B 90 3.69 -10.00 23.80
C ALA B 90 4.53 -11.02 23.06
N PRO B 91 5.31 -11.85 23.80
CA PRO B 91 6.15 -12.88 23.19
C PRO B 91 5.28 -13.70 22.22
N GLU B 92 5.87 -14.21 21.16
CA GLU B 92 5.10 -14.97 20.18
C GLU B 92 4.45 -16.27 20.68
N ASP B 93 4.81 -16.71 21.88
CA ASP B 93 4.22 -17.92 22.43
C ASP B 93 3.06 -17.54 23.37
N THR B 94 2.67 -16.28 23.33
CA THR B 94 1.61 -15.77 24.20
C THR B 94 0.28 -16.49 24.07
N GLN B 95 -0.33 -16.74 25.21
CA GLN B 95 -1.63 -17.39 25.31
C GLN B 95 -2.36 -16.73 26.45
N ILE B 96 -3.67 -16.93 26.53
CA ILE B 96 -4.43 -16.37 27.62
C ILE B 96 -3.88 -17.00 28.91
N PRO B 97 -3.43 -16.16 29.86
CA PRO B 97 -2.88 -16.69 31.11
C PRO B 97 -3.73 -17.84 31.67
N ALA B 98 -3.07 -18.92 32.07
CA ALA B 98 -3.75 -20.08 32.60
C ALA B 98 -4.61 -19.71 33.80
N GLY B 99 -5.80 -20.28 33.86
CA GLY B 99 -6.71 -20.00 34.96
C GLY B 99 -7.05 -18.53 35.11
N SER B 100 -7.19 -17.84 33.98
CA SER B 100 -7.53 -16.42 34.00
C SER B 100 -8.89 -16.17 34.63
N ILE B 101 -9.00 -15.07 35.38
CA ILE B 101 -10.25 -14.69 36.01
C ILE B 101 -10.85 -13.57 35.16
N GLY B 102 -10.18 -13.25 34.06
CA GLY B 102 -10.66 -12.19 33.20
C GLY B 102 -10.76 -10.90 33.99
N GLY B 103 -11.95 -10.31 33.99
CA GLY B 103 -12.16 -9.08 34.72
C GLY B 103 -11.13 -8.00 34.40
N GLY B 104 -10.62 -7.37 35.46
CA GLY B 104 -9.64 -6.31 35.31
C GLY B 104 -8.27 -6.74 34.80
N THR B 105 -8.03 -8.03 34.63
CA THR B 105 -6.73 -8.48 34.14
C THR B 105 -6.71 -8.22 32.64
N LEU B 106 -7.92 -8.03 32.11
CA LEU B 106 -8.13 -7.76 30.69
C LEU B 106 -7.59 -8.88 29.81
N GLY B 107 -7.49 -10.08 30.38
CA GLY B 107 -6.99 -11.22 29.62
C GLY B 107 -5.48 -11.27 29.31
N VAL B 108 -4.68 -10.37 29.87
CA VAL B 108 -3.24 -10.42 29.59
C VAL B 108 -2.36 -10.60 30.82
N SER B 109 -2.96 -10.55 32.00
CA SER B 109 -2.18 -10.67 33.23
C SER B 109 -2.73 -11.74 34.18
N ASP B 110 -2.04 -11.93 35.29
CA ASP B 110 -2.47 -12.90 36.29
C ASP B 110 -3.36 -12.20 37.30
N THR B 111 -3.72 -12.91 38.37
CA THR B 111 -4.60 -12.33 39.38
C THR B 111 -4.02 -11.07 40.02
N LYS B 112 -2.70 -11.00 40.16
CA LYS B 112 -2.05 -9.83 40.75
C LYS B 112 -2.01 -8.68 39.75
N GLY B 113 -2.29 -8.99 38.48
CA GLY B 113 -2.28 -7.96 37.45
C GLY B 113 -0.95 -7.87 36.72
N ALA B 114 -0.08 -8.85 36.94
CA ALA B 114 1.22 -8.88 36.30
C ALA B 114 1.21 -9.79 35.09
N GLY B 115 2.13 -9.55 34.16
CA GLY B 115 2.21 -10.36 32.97
C GLY B 115 3.45 -9.96 32.17
N HIS B 116 3.63 -10.58 31.01
CA HIS B 116 4.77 -10.25 30.15
C HIS B 116 4.17 -9.69 28.87
N PHE B 117 3.98 -8.37 28.84
CA PHE B 117 3.40 -7.72 27.67
C PHE B 117 3.50 -6.22 27.83
N VAL B 118 3.19 -5.51 26.75
CA VAL B 118 3.17 -4.06 26.72
C VAL B 118 1.86 -3.77 26.00
N GLY B 119 1.10 -2.77 26.46
CA GLY B 119 -0.14 -2.50 25.77
C GLY B 119 -0.86 -1.21 26.11
N VAL B 120 -1.86 -0.86 25.30
CA VAL B 120 -2.66 0.33 25.53
C VAL B 120 -4.05 -0.16 25.88
N GLU B 121 -4.52 0.17 27.06
CA GLU B 121 -5.83 -0.30 27.50
C GLU B 121 -6.93 0.73 27.43
N PHE B 122 -8.15 0.23 27.23
CA PHE B 122 -9.35 1.05 27.15
C PHE B 122 -10.23 0.44 28.22
N ASP B 123 -10.03 0.96 29.42
CA ASP B 123 -10.65 0.52 30.65
C ASP B 123 -12.00 1.13 31.03
N THR B 124 -13.01 0.29 31.23
CA THR B 124 -14.35 0.77 31.58
C THR B 124 -14.83 0.36 32.98
N TYR B 125 -13.89 0.04 33.87
CA TYR B 125 -14.26 -0.34 35.23
C TYR B 125 -13.08 -0.04 36.15
N SER B 126 -13.35 0.52 37.31
CA SER B 126 -12.27 0.86 38.23
C SER B 126 -11.94 -0.25 39.23
N ASN B 127 -10.89 -1.00 38.93
CA ASN B 127 -10.43 -2.08 39.81
C ASN B 127 -9.45 -1.50 40.82
N SER B 128 -9.89 -1.39 42.06
CA SER B 128 -9.03 -0.84 43.11
C SER B 128 -7.79 -1.68 43.36
N GLU B 129 -7.87 -2.99 43.11
CA GLU B 129 -6.74 -3.89 43.33
C GLU B 129 -5.58 -3.60 42.36
N TYR B 130 -5.86 -2.87 41.29
CA TYR B 130 -4.83 -2.53 40.31
C TYR B 130 -4.65 -1.01 40.22
N ASN B 131 -5.06 -0.31 41.28
CA ASN B 131 -4.95 1.14 41.36
C ASN B 131 -5.52 1.92 40.20
N ASP B 132 -6.66 1.47 39.68
CA ASP B 132 -7.31 2.17 38.57
C ASP B 132 -7.79 3.54 38.98
N PRO B 133 -7.85 4.48 38.02
CA PRO B 133 -8.32 5.83 38.33
C PRO B 133 -9.81 5.62 38.63
N PRO B 134 -10.49 6.64 39.16
CA PRO B 134 -11.91 6.44 39.46
C PRO B 134 -12.90 6.43 38.30
N THR B 135 -12.45 6.80 37.10
CA THR B 135 -13.33 6.81 35.92
C THR B 135 -12.75 6.02 34.75
N ASP B 136 -13.49 5.96 33.64
CA ASP B 136 -13.00 5.25 32.47
C ASP B 136 -11.66 5.86 32.08
N HIS B 137 -10.83 5.11 31.35
CA HIS B 137 -9.53 5.67 30.99
C HIS B 137 -8.71 4.89 30.00
N VAL B 138 -7.75 5.59 29.41
CA VAL B 138 -6.82 4.97 28.48
C VAL B 138 -5.56 4.87 29.31
N GLY B 139 -4.88 3.73 29.24
CA GLY B 139 -3.66 3.58 30.00
C GLY B 139 -2.54 2.86 29.27
N ILE B 140 -1.31 3.16 29.65
CA ILE B 140 -0.14 2.50 29.04
C ILE B 140 0.27 1.47 30.07
N ASP B 141 0.28 0.21 29.67
CA ASP B 141 0.63 -0.88 30.56
C ASP B 141 1.97 -1.54 30.20
N VAL B 142 2.86 -1.69 31.17
CA VAL B 142 4.13 -2.36 30.93
C VAL B 142 4.25 -3.51 31.91
N ASN B 143 3.95 -4.71 31.45
CA ASN B 143 4.00 -5.91 32.28
C ASN B 143 3.01 -5.91 33.44
N SER B 144 2.00 -5.05 33.40
CA SER B 144 1.04 -4.99 34.50
C SER B 144 -0.22 -4.21 34.12
N VAL B 145 -1.37 -4.59 34.66
CA VAL B 145 -2.59 -3.84 34.36
C VAL B 145 -2.67 -2.64 35.29
N ASP B 146 -1.67 -2.50 36.15
CA ASP B 146 -1.59 -1.35 37.06
C ASP B 146 -0.77 -0.36 36.22
N SER B 147 -1.44 0.27 35.27
CA SER B 147 -0.86 1.22 34.33
C SER B 147 0.27 2.11 34.81
N VAL B 148 1.31 2.25 33.98
CA VAL B 148 2.42 3.13 34.30
C VAL B 148 1.90 4.56 34.21
N LYS B 149 0.88 4.75 33.39
CA LYS B 149 0.29 6.07 33.20
C LYS B 149 -1.13 5.95 32.65
N THR B 150 -2.00 6.88 33.01
CA THR B 150 -3.38 6.87 32.49
C THR B 150 -3.87 8.28 32.25
N VAL B 151 -4.91 8.41 31.45
CA VAL B 151 -5.50 9.70 31.15
C VAL B 151 -7.02 9.50 31.18
N PRO B 152 -7.76 10.42 31.83
CA PRO B 152 -9.21 10.28 31.89
C PRO B 152 -9.81 10.17 30.49
N TRP B 153 -10.71 9.22 30.33
CA TRP B 153 -11.38 9.00 29.05
C TRP B 153 -12.81 8.59 29.36
N ASN B 154 -13.63 8.41 28.34
CA ASN B 154 -15.01 8.00 28.54
C ASN B 154 -15.46 7.09 27.41
N SER B 155 -15.91 5.89 27.78
CA SER B 155 -16.39 4.92 26.81
C SER B 155 -17.90 5.09 26.64
N VAL B 156 -18.31 5.51 25.45
CA VAL B 156 -19.72 5.73 25.14
C VAL B 156 -20.30 4.44 24.58
N SER B 157 -21.36 3.95 25.20
CA SER B 157 -22.00 2.72 24.76
C SER B 157 -22.46 2.80 23.32
N GLY B 158 -21.92 1.92 22.48
CA GLY B 158 -22.30 1.89 21.08
C GLY B 158 -21.50 2.82 20.17
N ALA B 159 -20.65 3.66 20.77
CA ALA B 159 -19.84 4.59 19.99
C ALA B 159 -18.67 3.89 19.31
N VAL B 160 -18.42 4.26 18.06
CA VAL B 160 -17.30 3.69 17.32
C VAL B 160 -16.09 4.56 17.67
N VAL B 161 -15.06 3.95 18.22
CA VAL B 161 -13.87 4.71 18.60
C VAL B 161 -12.73 4.45 17.62
N LYS B 162 -11.97 5.49 17.32
CA LYS B 162 -10.84 5.35 16.41
C LYS B 162 -9.56 5.63 17.18
N VAL B 163 -8.55 4.81 16.96
CA VAL B 163 -7.28 4.96 17.67
C VAL B 163 -6.09 4.87 16.71
N THR B 164 -5.07 5.66 16.99
CA THR B 164 -3.84 5.65 16.21
C THR B 164 -2.66 5.64 17.17
N VAL B 165 -1.77 4.66 16.98
CA VAL B 165 -0.60 4.52 17.84
C VAL B 165 0.70 4.62 17.04
N ILE B 166 1.63 5.44 17.53
CA ILE B 166 2.91 5.60 16.86
C ILE B 166 4.03 5.25 17.82
N TYR B 167 4.85 4.29 17.44
CA TYR B 167 5.99 3.95 18.28
C TYR B 167 7.27 4.36 17.57
N ASP B 168 7.97 5.32 18.15
CA ASP B 168 9.23 5.80 17.60
C ASP B 168 10.38 5.15 18.33
N SER B 169 11.08 4.24 17.66
CA SER B 169 12.18 3.52 18.31
C SER B 169 13.31 4.39 18.85
N SER B 170 13.67 5.46 18.15
CA SER B 170 14.75 6.31 18.61
C SER B 170 14.54 6.88 20.01
N THR B 171 13.35 7.43 20.25
CA THR B 171 13.05 7.98 21.57
C THR B 171 12.37 6.96 22.47
N LYS B 172 12.01 5.80 21.91
CA LYS B 172 11.29 4.76 22.66
C LYS B 172 9.92 5.27 23.12
N THR B 173 9.38 6.24 22.39
CA THR B 173 8.09 6.83 22.74
C THR B 173 6.89 6.12 22.12
N LEU B 174 5.89 5.86 22.95
CA LEU B 174 4.67 5.22 22.49
C LEU B 174 3.58 6.28 22.65
N SER B 175 3.15 6.86 21.54
CA SER B 175 2.11 7.89 21.59
C SER B 175 0.81 7.32 21.06
N VAL B 176 -0.30 7.73 21.68
CA VAL B 176 -1.63 7.26 21.32
C VAL B 176 -2.62 8.42 21.18
N ALA B 177 -3.39 8.40 20.09
CA ALA B 177 -4.40 9.41 19.82
C ALA B 177 -5.73 8.70 19.72
N VAL B 178 -6.66 9.05 20.60
CA VAL B 178 -7.98 8.43 20.63
C VAL B 178 -9.07 9.41 20.21
N THR B 179 -9.71 9.11 19.09
CA THR B 179 -10.77 9.96 18.56
C THR B 179 -12.14 9.50 18.99
N ASN B 180 -12.69 10.20 19.97
CA ASN B 180 -14.00 9.90 20.52
C ASN B 180 -15.14 10.11 19.52
N ASP B 181 -16.34 9.75 19.98
CA ASP B 181 -17.54 9.85 19.17
C ASP B 181 -17.90 11.30 18.86
N ASN B 182 -17.72 12.19 19.84
CA ASN B 182 -18.02 13.60 19.68
C ASN B 182 -16.93 14.42 18.98
N GLY B 183 -15.96 13.75 18.38
CA GLY B 183 -14.91 14.46 17.68
C GLY B 183 -13.71 14.91 18.50
N ASP B 184 -13.76 14.74 19.81
CA ASP B 184 -12.63 15.15 20.64
C ASP B 184 -11.55 14.09 20.62
N ILE B 185 -10.30 14.52 20.80
CA ILE B 185 -9.16 13.59 20.83
C ILE B 185 -8.61 13.50 22.24
N THR B 186 -8.08 12.34 22.58
CA THR B 186 -7.48 12.10 23.88
C THR B 186 -6.14 11.44 23.60
N THR B 187 -5.06 12.01 24.13
CA THR B 187 -3.75 11.42 23.89
C THR B 187 -3.04 11.01 25.18
N ILE B 188 -2.11 10.08 25.02
CA ILE B 188 -1.29 9.59 26.11
C ILE B 188 -0.02 9.00 25.52
N ALA B 189 1.13 9.46 25.99
CA ALA B 189 2.40 8.95 25.50
C ALA B 189 3.27 8.58 26.67
N GLN B 190 4.07 7.54 26.48
CA GLN B 190 4.97 7.04 27.51
C GLN B 190 6.22 6.48 26.86
N VAL B 191 7.37 6.70 27.49
CA VAL B 191 8.60 6.15 26.97
C VAL B 191 8.61 4.71 27.49
N VAL B 192 8.63 3.74 26.57
CA VAL B 192 8.65 2.34 26.94
C VAL B 192 9.75 1.69 26.10
N ASP B 193 10.71 1.07 26.77
CA ASP B 193 11.79 0.43 26.05
C ASP B 193 11.41 -1.01 25.70
N LEU B 194 10.93 -1.23 24.48
CA LEU B 194 10.52 -2.56 24.06
C LEU B 194 11.67 -3.57 24.01
N LYS B 195 12.87 -3.09 23.69
CA LYS B 195 14.03 -3.96 23.64
C LYS B 195 14.31 -4.47 25.06
N ALA B 196 14.00 -3.65 26.04
CA ALA B 196 14.22 -4.02 27.43
C ALA B 196 13.06 -4.82 28.05
N LYS B 197 11.87 -4.72 27.47
CA LYS B 197 10.71 -5.43 28.03
C LYS B 197 10.21 -6.66 27.29
N LEU B 198 10.49 -6.72 25.99
CA LEU B 198 10.04 -7.83 25.17
C LEU B 198 11.15 -8.52 24.39
N PRO B 199 10.91 -9.77 23.96
CA PRO B 199 11.90 -10.53 23.20
C PRO B 199 11.98 -9.95 21.80
N GLU B 200 12.89 -10.47 20.98
CA GLU B 200 13.08 -9.99 19.62
C GLU B 200 11.83 -10.21 18.77
N ARG B 201 11.21 -11.36 18.93
CA ARG B 201 10.00 -11.70 18.20
C ARG B 201 8.77 -11.59 19.10
N VAL B 202 7.72 -10.94 18.59
CA VAL B 202 6.51 -10.77 19.36
C VAL B 202 5.27 -10.84 18.49
N LYS B 203 4.10 -10.71 19.10
CA LYS B 203 2.84 -10.69 18.37
C LYS B 203 1.98 -9.56 18.89
N PHE B 204 1.27 -8.88 17.99
CA PHE B 204 0.40 -7.79 18.37
C PHE B 204 -1.03 -8.30 18.30
N GLY B 205 -1.93 -7.61 18.95
CA GLY B 205 -3.32 -8.04 18.94
C GLY B 205 -4.18 -7.33 19.95
N PHE B 206 -5.37 -7.87 20.17
CA PHE B 206 -6.31 -7.28 21.12
C PHE B 206 -6.86 -8.35 22.04
N SER B 207 -7.25 -7.93 23.23
CA SER B 207 -7.84 -8.81 24.22
C SER B 207 -8.90 -8.03 24.98
N ALA B 208 -9.97 -8.72 25.36
CA ALA B 208 -11.04 -8.09 26.14
C ALA B 208 -11.44 -9.12 27.19
N SER B 209 -12.04 -8.67 28.28
CA SER B 209 -12.44 -9.60 29.33
C SER B 209 -13.68 -9.16 30.11
N GLY B 210 -14.23 -10.10 30.87
CA GLY B 210 -15.40 -9.84 31.70
C GLY B 210 -15.29 -10.70 32.94
N SER B 211 -16.22 -10.54 33.87
CA SER B 211 -16.22 -11.34 35.10
C SER B 211 -17.61 -11.95 35.23
N LEU B 212 -18.01 -12.27 36.45
CA LEU B 212 -19.33 -12.86 36.64
C LEU B 212 -20.41 -11.81 36.40
N GLY B 213 -20.28 -10.66 37.06
CA GLY B 213 -21.26 -9.59 36.92
C GLY B 213 -20.90 -8.48 35.95
N GLY B 214 -19.63 -8.42 35.56
CA GLY B 214 -19.19 -7.40 34.62
C GLY B 214 -19.07 -7.96 33.22
N ARG B 215 -19.96 -7.53 32.33
CA ARG B 215 -19.93 -8.02 30.95
C ARG B 215 -20.36 -6.93 29.98
N GLN B 216 -19.96 -7.06 28.72
CA GLN B 216 -20.33 -6.09 27.70
C GLN B 216 -19.81 -6.56 26.35
N ILE B 217 -20.36 -5.99 25.29
CA ILE B 217 -19.94 -6.32 23.94
C ILE B 217 -18.62 -5.62 23.65
N HIS B 218 -17.59 -6.38 23.30
CA HIS B 218 -16.28 -5.80 22.98
C HIS B 218 -16.01 -6.10 21.52
N LEU B 219 -16.01 -5.06 20.69
CA LEU B 219 -15.80 -5.26 19.26
C LEU B 219 -14.57 -4.59 18.66
N ILE B 220 -13.86 -5.32 17.82
CA ILE B 220 -12.71 -4.79 17.10
C ILE B 220 -13.28 -4.72 15.68
N ARG B 221 -13.32 -3.53 15.09
CA ARG B 221 -13.90 -3.37 13.76
C ARG B 221 -12.94 -3.27 12.59
N SER B 222 -11.75 -2.75 12.85
CA SER B 222 -10.76 -2.61 11.79
C SER B 222 -9.38 -2.58 12.42
N TRP B 223 -8.34 -2.60 11.59
CA TRP B 223 -6.98 -2.56 12.10
C TRP B 223 -5.96 -2.55 10.96
N SER B 224 -5.18 -1.49 10.89
CA SER B 224 -4.12 -1.36 9.88
C SER B 224 -2.83 -1.32 10.67
N PHE B 225 -1.73 -1.78 10.07
CA PHE B 225 -0.47 -1.81 10.81
C PHE B 225 0.78 -1.85 9.94
N THR B 226 1.82 -1.14 10.37
CA THR B 226 3.08 -1.14 9.65
C THR B 226 4.24 -0.92 10.60
N SER B 227 5.11 -1.92 10.69
CA SER B 227 6.28 -1.84 11.55
C SER B 227 7.48 -2.10 10.65
N THR B 228 8.55 -1.37 10.88
CA THR B 228 9.76 -1.55 10.10
C THR B 228 10.98 -1.61 10.97
N LEU B 229 11.80 -2.63 10.73
CA LEU B 229 13.05 -2.82 11.45
C LEU B 229 14.17 -2.59 10.46
N ILE B 230 15.06 -1.66 10.78
CA ILE B 230 16.19 -1.38 9.90
C ILE B 230 17.20 -2.49 10.11
N THR B 231 17.59 -3.14 9.03
CA THR B 231 18.55 -4.23 9.09
C THR B 231 19.87 -3.82 8.45
N THR B 232 19.95 -2.57 8.02
CA THR B 232 21.17 -2.04 7.39
C THR B 232 21.81 -0.99 8.29
N ALA C 1 -14.67 21.43 26.93
CA ALA C 1 -13.44 21.30 26.10
C ALA C 1 -13.57 22.09 24.81
N GLU C 2 -12.43 22.49 24.27
CA GLU C 2 -12.39 23.28 23.04
C GLU C 2 -11.72 22.45 21.95
N THR C 3 -12.48 22.06 20.94
CA THR C 3 -11.94 21.24 19.88
C THR C 3 -12.09 21.80 18.48
N VAL C 4 -11.00 21.76 17.73
CA VAL C 4 -10.97 22.22 16.34
C VAL C 4 -10.69 21.01 15.47
N SER C 5 -11.51 20.78 14.45
CA SER C 5 -11.28 19.66 13.56
C SER C 5 -11.80 19.96 12.17
N PHE C 6 -11.03 19.59 11.17
CA PHE C 6 -11.41 19.80 9.78
C PHE C 6 -10.83 18.71 8.90
N ASN C 7 -11.17 18.74 7.63
CA ASN C 7 -10.69 17.75 6.69
C ASN C 7 -10.81 18.23 5.24
N PHE C 8 -9.72 18.09 4.51
CA PHE C 8 -9.66 18.50 3.11
C PHE C 8 -9.28 17.30 2.26
N ASN C 9 -10.11 17.00 1.26
CA ASN C 9 -9.84 15.89 0.37
C ASN C 9 -9.36 16.55 -0.92
N SER C 10 -9.74 17.83 -1.08
CA SER C 10 -9.37 18.63 -2.23
C SER C 10 -9.31 20.08 -1.79
N PHE C 11 -8.54 20.90 -2.50
CA PHE C 11 -8.41 22.31 -2.13
C PHE C 11 -8.92 23.24 -3.22
N SER C 12 -9.16 24.49 -2.84
CA SER C 12 -9.63 25.51 -3.77
C SER C 12 -9.21 26.89 -3.27
N GLU C 13 -8.75 27.73 -4.20
CA GLU C 13 -8.30 29.08 -3.86
C GLU C 13 -9.48 30.02 -3.63
N GLY C 14 -10.68 29.53 -3.92
CA GLY C 14 -11.87 30.34 -3.73
C GLY C 14 -12.44 30.09 -2.35
N ASN C 15 -11.85 29.13 -1.64
CA ASN C 15 -12.28 28.77 -0.29
C ASN C 15 -11.61 29.65 0.77
N PRO C 16 -12.41 30.33 1.60
CA PRO C 16 -11.92 31.21 2.66
C PRO C 16 -11.21 30.44 3.79
N ALA C 17 -11.52 29.16 3.91
CA ALA C 17 -10.93 28.33 4.93
C ALA C 17 -9.41 28.24 4.84
N ILE C 18 -8.83 28.81 3.79
CA ILE C 18 -7.38 28.74 3.66
C ILE C 18 -6.68 29.98 3.12
N ASN C 19 -5.54 30.29 3.72
CA ASN C 19 -4.74 31.43 3.31
C ASN C 19 -3.69 30.92 2.32
N PHE C 20 -3.46 31.71 1.28
CA PHE C 20 -2.48 31.36 0.27
C PHE C 20 -1.40 32.44 0.23
N GLN C 21 -0.15 32.04 0.36
CA GLN C 21 0.93 33.03 0.35
C GLN C 21 2.01 32.71 -0.68
N GLY C 22 2.42 33.73 -1.42
CA GLY C 22 3.45 33.53 -2.42
C GLY C 22 2.99 32.92 -3.74
N ASP C 23 3.80 32.01 -4.26
CA ASP C 23 3.54 31.35 -5.54
C ASP C 23 2.55 30.19 -5.50
N VAL C 24 1.96 29.94 -4.35
CA VAL C 24 1.01 28.84 -4.23
C VAL C 24 -0.11 28.93 -5.25
N THR C 25 -0.43 27.79 -5.85
CA THR C 25 -1.50 27.73 -6.83
C THR C 25 -2.30 26.46 -6.55
N VAL C 26 -3.55 26.43 -7.01
CA VAL C 26 -4.41 25.27 -6.81
C VAL C 26 -4.72 24.69 -8.20
N LEU C 27 -4.22 23.50 -8.46
CA LEU C 27 -4.41 22.84 -9.75
C LEU C 27 -5.86 22.38 -9.96
N SER C 28 -6.26 22.23 -11.22
CA SER C 28 -7.62 21.82 -11.55
C SER C 28 -8.00 20.48 -10.91
N ASN C 29 -7.00 19.73 -10.47
CA ASN C 29 -7.26 18.43 -9.84
C ASN C 29 -7.48 18.56 -8.35
N GLY C 30 -7.38 19.79 -7.83
CA GLY C 30 -7.59 20.02 -6.42
C GLY C 30 -6.34 20.07 -5.57
N ASN C 31 -5.22 19.64 -6.13
CA ASN C 31 -3.94 19.65 -5.41
C ASN C 31 -3.41 21.05 -5.23
N ILE C 32 -2.72 21.29 -4.12
CA ILE C 32 -2.10 22.57 -3.88
C ILE C 32 -0.65 22.40 -4.37
N GLN C 33 -0.20 23.30 -5.24
CA GLN C 33 1.18 23.23 -5.72
C GLN C 33 1.86 24.44 -5.08
N LEU C 34 2.72 24.17 -4.12
CA LEU C 34 3.40 25.24 -3.38
C LEU C 34 4.40 26.10 -4.15
N THR C 35 5.25 25.51 -4.98
CA THR C 35 6.20 26.34 -5.71
C THR C 35 5.94 26.45 -7.20
N ASN C 36 6.29 27.60 -7.77
CA ASN C 36 6.14 27.83 -9.19
C ASN C 36 7.44 27.32 -9.80
N LEU C 37 7.33 26.39 -10.73
CA LEU C 37 8.50 25.78 -11.39
C LEU C 37 9.25 26.72 -12.32
N ASN C 38 8.60 27.83 -12.67
CA ASN C 38 9.19 28.80 -13.60
C ASN C 38 9.79 30.03 -12.95
N LYS C 39 9.85 30.04 -11.62
CA LYS C 39 10.42 31.18 -10.90
C LYS C 39 11.65 30.80 -10.10
N VAL C 40 12.50 31.80 -9.86
CA VAL C 40 13.72 31.60 -9.09
C VAL C 40 13.34 31.80 -7.63
N ASN C 41 14.10 31.20 -6.72
CA ASN C 41 13.84 31.32 -5.29
C ASN C 41 12.34 31.32 -4.99
N SER C 42 11.61 30.44 -5.66
CA SER C 42 10.18 30.34 -5.48
C SER C 42 9.82 29.95 -4.05
N VAL C 43 8.70 30.48 -3.57
CA VAL C 43 8.21 30.18 -2.23
C VAL C 43 6.70 30.30 -2.19
N GLY C 44 6.07 29.27 -1.64
CA GLY C 44 4.62 29.26 -1.53
C GLY C 44 4.23 28.54 -0.25
N ARG C 45 3.19 29.04 0.40
CA ARG C 45 2.72 28.44 1.65
C ARG C 45 1.21 28.59 1.75
N VAL C 46 0.61 27.81 2.64
CA VAL C 46 -0.82 27.91 2.86
C VAL C 46 -1.00 27.72 4.35
N LEU C 47 -2.07 28.25 4.90
CA LEU C 47 -2.34 28.12 6.33
C LEU C 47 -3.83 27.96 6.51
N TYR C 48 -4.24 27.25 7.56
CA TYR C 48 -5.66 27.11 7.83
C TYR C 48 -6.02 28.54 8.26
N ALA C 49 -6.95 29.16 7.55
CA ALA C 49 -7.31 30.55 7.85
C ALA C 49 -7.64 30.85 9.31
N MET C 50 -8.28 29.89 9.99
CA MET C 50 -8.64 30.10 11.38
C MET C 50 -7.52 29.76 12.37
N PRO C 51 -7.10 30.75 13.17
CA PRO C 51 -6.03 30.48 14.13
C PRO C 51 -6.52 29.46 15.16
N VAL C 52 -5.65 28.52 15.47
CA VAL C 52 -5.98 27.48 16.43
C VAL C 52 -5.41 27.87 17.79
N ARG C 53 -6.27 27.82 18.79
CA ARG C 53 -5.86 28.15 20.16
C ARG C 53 -5.20 26.89 20.74
N ILE C 54 -3.87 26.85 20.72
CA ILE C 54 -3.16 25.68 21.23
C ILE C 54 -2.85 25.68 22.73
N TRP C 55 -2.94 26.84 23.37
CA TRP C 55 -2.72 26.91 24.81
C TRP C 55 -3.35 28.14 25.43
N SER C 56 -3.56 28.07 26.74
CA SER C 56 -4.22 29.14 27.47
C SER C 56 -3.39 29.79 28.56
N SER C 57 -3.42 31.12 28.60
CA SER C 57 -2.70 31.89 29.60
C SER C 57 -3.51 31.96 30.91
N ALA C 58 -4.76 31.53 30.85
CA ALA C 58 -5.60 31.53 32.05
C ALA C 58 -5.38 30.25 32.88
N THR C 59 -5.33 29.11 32.20
CA THR C 59 -5.16 27.82 32.89
C THR C 59 -3.81 27.13 32.72
N GLY C 60 -3.02 27.51 31.71
CA GLY C 60 -1.73 26.88 31.49
C GLY C 60 -1.85 25.59 30.69
N ASN C 61 -3.07 25.11 30.49
CA ASN C 61 -3.32 23.90 29.72
C ASN C 61 -2.83 24.04 28.28
N VAL C 62 -2.44 22.92 27.69
CA VAL C 62 -1.96 22.88 26.31
C VAL C 62 -2.78 21.81 25.62
N ALA C 63 -3.10 22.04 24.36
CA ALA C 63 -3.90 21.10 23.60
C ALA C 63 -3.11 19.99 22.95
N SER C 64 -3.79 18.87 22.75
CA SER C 64 -3.18 17.74 22.07
C SER C 64 -3.83 17.77 20.70
N PHE C 65 -3.14 17.22 19.70
CA PHE C 65 -3.72 17.17 18.37
C PHE C 65 -3.24 15.97 17.58
N LEU C 66 -4.07 15.57 16.64
CA LEU C 66 -3.79 14.45 15.75
C LEU C 66 -4.12 15.00 14.37
N THR C 67 -3.13 14.99 13.49
CA THR C 67 -3.35 15.49 12.16
C THR C 67 -2.57 14.64 11.17
N SER C 68 -3.17 14.37 10.02
CA SER C 68 -2.49 13.60 9.00
C SER C 68 -2.72 14.24 7.66
N PHE C 69 -1.74 14.09 6.78
CA PHE C 69 -1.82 14.65 5.45
C PHE C 69 -1.07 13.80 4.44
N SER C 70 -1.25 14.12 3.17
CA SER C 70 -0.56 13.41 2.11
C SER C 70 -0.04 14.45 1.14
N PHE C 71 1.18 14.24 0.67
CA PHE C 71 1.80 15.18 -0.26
C PHE C 71 2.47 14.44 -1.41
N GLU C 72 3.02 15.20 -2.34
CA GLU C 72 3.70 14.61 -3.47
C GLU C 72 4.78 15.53 -4.03
N MET C 73 6.01 15.03 -4.11
CA MET C 73 7.10 15.79 -4.70
C MET C 73 7.53 14.97 -5.91
N LYS C 74 7.72 15.65 -7.05
CA LYS C 74 8.13 14.98 -8.28
C LYS C 74 9.19 15.78 -9.03
N ASP C 75 10.20 15.07 -9.55
CA ASP C 75 11.28 15.74 -10.26
C ASP C 75 10.82 16.35 -11.58
N ILE C 76 11.72 17.13 -12.17
CA ILE C 76 11.50 17.77 -13.47
C ILE C 76 12.90 17.99 -14.02
N LYS C 77 12.99 18.25 -15.33
CA LYS C 77 14.28 18.52 -15.95
C LYS C 77 14.28 20.00 -16.26
N ASP C 78 15.43 20.67 -16.17
CA ASP C 78 16.71 20.09 -15.79
C ASP C 78 17.09 20.79 -14.48
N TYR C 79 16.42 20.41 -13.40
CA TYR C 79 16.65 21.02 -12.10
C TYR C 79 16.85 19.98 -11.01
N ASP C 80 17.54 20.39 -9.95
CA ASP C 80 17.76 19.50 -8.82
C ASP C 80 16.45 19.43 -8.06
N PRO C 81 16.00 18.23 -7.69
CA PRO C 81 14.75 18.02 -6.96
C PRO C 81 14.85 18.67 -5.58
N ALA C 82 14.52 19.95 -5.50
CA ALA C 82 14.60 20.68 -4.24
C ALA C 82 13.50 21.73 -4.14
N ASP C 83 13.25 22.26 -2.95
CA ASP C 83 13.99 21.92 -1.74
C ASP C 83 13.28 21.06 -0.71
N GLY C 84 11.96 21.04 -0.74
CA GLY C 84 11.23 20.24 0.22
C GLY C 84 9.97 20.92 0.68
N ILE C 85 9.22 20.24 1.53
CA ILE C 85 7.99 20.76 2.09
C ILE C 85 8.09 20.70 3.61
N ILE C 86 7.55 21.70 4.28
CA ILE C 86 7.57 21.68 5.73
C ILE C 86 6.18 22.00 6.28
N PHE C 87 5.69 21.14 7.16
CA PHE C 87 4.40 21.32 7.80
C PHE C 87 4.74 22.16 9.02
N PHE C 88 4.20 23.37 9.11
CA PHE C 88 4.54 24.20 10.25
C PHE C 88 3.40 24.79 11.05
N ILE C 89 3.79 25.29 12.22
CA ILE C 89 2.92 25.92 13.20
C ILE C 89 3.60 27.27 13.48
N ALA C 90 2.84 28.36 13.44
CA ALA C 90 3.47 29.65 13.66
C ALA C 90 2.51 30.71 14.14
N PRO C 91 3.05 31.87 14.59
CA PRO C 91 2.21 32.98 15.05
C PRO C 91 1.12 33.18 14.02
N GLU C 92 -0.06 33.60 14.44
CA GLU C 92 -1.16 33.79 13.51
C GLU C 92 -0.90 34.82 12.40
N ASP C 93 0.12 35.65 12.55
CA ASP C 93 0.40 36.66 11.54
C ASP C 93 1.64 36.32 10.70
N THR C 94 2.06 35.06 10.75
CA THR C 94 3.23 34.63 10.00
C THR C 94 3.12 34.96 8.52
N GLN C 95 4.25 35.31 7.91
CA GLN C 95 4.28 35.66 6.49
C GLN C 95 5.58 35.13 5.92
N ILE C 96 5.64 35.01 4.60
CA ILE C 96 6.87 34.56 3.96
C ILE C 96 7.93 35.57 4.41
N PRO C 97 9.07 35.08 4.91
CA PRO C 97 10.13 36.00 5.36
C PRO C 97 10.46 37.03 4.28
N ALA C 98 10.66 38.28 4.70
CA ALA C 98 10.99 39.35 3.78
C ALA C 98 12.33 39.07 3.09
N GLY C 99 12.36 39.21 1.77
CA GLY C 99 13.59 38.98 1.03
C GLY C 99 14.01 37.52 1.08
N SER C 100 13.03 36.63 1.17
CA SER C 100 13.30 35.20 1.21
C SER C 100 14.09 34.74 0.00
N ILE C 101 15.04 33.84 0.24
CA ILE C 101 15.85 33.30 -0.84
C ILE C 101 15.35 31.90 -1.19
N GLY C 102 14.28 31.48 -0.51
CA GLY C 102 13.74 30.15 -0.73
C GLY C 102 14.83 29.12 -0.44
N GLY C 103 14.94 28.12 -1.31
CA GLY C 103 15.95 27.11 -1.12
C GLY C 103 15.81 26.41 0.21
N GLY C 104 16.93 26.15 0.87
CA GLY C 104 16.92 25.47 2.15
C GLY C 104 16.11 26.10 3.26
N THR C 105 15.69 27.36 3.06
CA THR C 105 14.90 28.06 4.07
C THR C 105 13.50 27.48 4.16
N LEU C 106 13.12 26.67 3.17
CA LEU C 106 11.80 26.07 3.13
C LEU C 106 10.68 27.12 3.23
N GLY C 107 11.05 28.38 3.02
CA GLY C 107 10.08 29.47 3.05
C GLY C 107 9.58 29.90 4.42
N VAL C 108 10.26 29.47 5.48
CA VAL C 108 9.84 29.85 6.82
C VAL C 108 10.91 30.56 7.64
N SER C 109 12.16 30.52 7.17
CA SER C 109 13.26 31.16 7.91
C SER C 109 14.03 32.19 7.10
N ASP C 110 14.91 32.93 7.77
CA ASP C 110 15.72 33.92 7.11
C ASP C 110 16.93 33.22 6.48
N THR C 111 17.86 34.02 5.96
CA THR C 111 19.04 33.48 5.34
C THR C 111 19.83 32.62 6.31
N LYS C 112 19.91 33.06 7.57
CA LYS C 112 20.62 32.32 8.59
C LYS C 112 19.92 31.00 8.90
N GLY C 113 18.65 30.91 8.52
CA GLY C 113 17.87 29.71 8.76
C GLY C 113 17.07 29.78 10.04
N ALA C 114 16.81 30.99 10.53
CA ALA C 114 16.05 31.19 11.76
C ALA C 114 14.69 31.82 11.48
N GLY C 115 13.73 31.54 12.35
CA GLY C 115 12.39 32.09 12.20
C GLY C 115 11.53 31.70 13.39
N HIS C 116 10.27 32.14 13.42
CA HIS C 116 9.37 31.79 14.52
C HIS C 116 8.35 30.77 14.05
N PHE C 117 8.65 29.50 14.33
CA PHE C 117 7.79 28.41 13.92
C PHE C 117 8.29 27.09 14.48
N VAL C 118 7.41 26.10 14.48
CA VAL C 118 7.73 24.73 14.88
C VAL C 118 7.18 23.97 13.68
N GLY C 119 7.93 22.98 13.19
CA GLY C 119 7.44 22.25 12.04
C GLY C 119 8.12 20.93 11.76
N VAL C 120 7.58 20.20 10.79
CA VAL C 120 8.15 18.93 10.39
C VAL C 120 8.50 19.07 8.93
N GLU C 121 9.79 19.03 8.64
CA GLU C 121 10.24 19.19 7.27
C GLU C 121 10.49 17.87 6.58
N PHE C 122 10.28 17.89 5.26
CA PHE C 122 10.49 16.75 4.39
C PHE C 122 11.50 17.30 3.39
N ASP C 123 12.75 17.26 3.84
CA ASP C 123 13.91 17.80 3.14
C ASP C 123 14.52 16.96 2.03
N THR C 124 14.54 17.49 0.81
CA THR C 124 15.08 16.75 -0.32
C THR C 124 16.43 17.27 -0.88
N TYR C 125 17.13 18.05 -0.08
CA TYR C 125 18.43 18.59 -0.49
C TYR C 125 19.28 18.85 0.75
N SER C 126 20.58 18.58 0.66
CA SER C 126 21.48 18.78 1.80
C SER C 126 22.20 20.12 1.84
N ASN C 127 21.67 21.08 2.60
CA ASN C 127 22.27 22.40 2.73
C ASN C 127 23.26 22.37 3.88
N SER C 128 24.56 22.40 3.57
CA SER C 128 25.58 22.36 4.61
C SER C 128 25.50 23.58 5.54
N GLU C 129 25.01 24.70 5.01
CA GLU C 129 24.90 25.91 5.81
C GLU C 129 23.84 25.78 6.90
N TYR C 130 23.16 24.63 6.93
CA TYR C 130 22.13 24.38 7.95
C TYR C 130 22.36 23.03 8.57
N ASN C 131 23.58 22.53 8.41
CA ASN C 131 23.98 21.23 8.95
C ASN C 131 23.08 20.07 8.57
N ASP C 132 22.61 20.03 7.34
CA ASP C 132 21.74 18.93 6.92
C ASP C 132 22.44 17.59 6.80
N PRO C 133 21.71 16.51 7.07
CA PRO C 133 22.30 15.17 6.97
C PRO C 133 22.68 15.05 5.48
N PRO C 134 23.54 14.08 5.13
CA PRO C 134 23.94 13.91 3.72
C PRO C 134 22.87 13.40 2.77
N THR C 135 21.72 12.98 3.30
CA THR C 135 20.64 12.45 2.45
C THR C 135 19.29 13.06 2.75
N ASP C 136 18.31 12.74 1.92
CA ASP C 136 16.95 13.23 2.12
C ASP C 136 16.62 12.85 3.56
N HIS C 137 15.89 13.72 4.25
CA HIS C 137 15.56 13.46 5.63
C HIS C 137 14.30 14.16 6.08
N VAL C 138 13.72 13.64 7.15
CA VAL C 138 12.54 14.24 7.76
C VAL C 138 13.11 14.84 9.05
N GLY C 139 12.78 16.10 9.33
CA GLY C 139 13.29 16.72 10.53
C GLY C 139 12.25 17.44 11.36
N ILE C 140 12.54 17.61 12.65
CA ILE C 140 11.65 18.32 13.57
C ILE C 140 12.38 19.65 13.80
N ASP C 141 11.77 20.75 13.39
CA ASP C 141 12.39 22.05 13.55
C ASP C 141 11.70 22.95 14.56
N VAL C 142 12.50 23.62 15.38
CA VAL C 142 12.01 24.54 16.38
C VAL C 142 12.71 25.87 16.18
N ASN C 143 12.07 26.75 15.41
CA ASN C 143 12.58 28.07 15.09
C ASN C 143 13.86 28.06 14.26
N SER C 144 14.02 27.05 13.40
CA SER C 144 15.22 26.96 12.57
C SER C 144 15.24 25.72 11.69
N VAL C 145 15.64 25.90 10.44
CA VAL C 145 15.73 24.78 9.52
C VAL C 145 16.97 23.96 9.87
N ASP C 146 17.70 24.40 10.90
CA ASP C 146 18.86 23.65 11.37
C ASP C 146 18.17 22.73 12.39
N SER C 147 17.59 21.65 11.86
CA SER C 147 16.83 20.69 12.64
C SER C 147 17.35 20.26 14.00
N VAL C 148 16.42 20.20 14.95
CA VAL C 148 16.73 19.76 16.32
C VAL C 148 17.07 18.28 16.20
N LYS C 149 16.43 17.61 15.25
CA LYS C 149 16.67 16.19 15.01
C LYS C 149 16.19 15.81 13.61
N THR C 150 16.84 14.79 13.04
CA THR C 150 16.49 14.31 11.71
C THR C 150 16.57 12.79 11.68
N VAL C 151 15.99 12.20 10.65
CA VAL C 151 16.00 10.76 10.46
C VAL C 151 16.09 10.55 8.96
N PRO C 152 16.98 9.64 8.51
CA PRO C 152 17.12 9.39 7.07
C PRO C 152 15.77 9.00 6.45
N TRP C 153 15.50 9.49 5.25
CA TRP C 153 14.26 9.18 4.56
C TRP C 153 14.48 9.38 3.07
N ASN C 154 13.78 8.61 2.25
CA ASN C 154 13.94 8.70 0.80
C ASN C 154 12.71 9.28 0.12
N SER C 155 12.89 10.45 -0.52
CA SER C 155 11.80 11.10 -1.24
C SER C 155 11.73 10.48 -2.63
N VAL C 156 10.64 9.79 -2.92
CA VAL C 156 10.43 9.14 -4.21
C VAL C 156 9.58 10.00 -5.16
N SER C 157 10.20 10.42 -6.25
CA SER C 157 9.52 11.26 -7.24
C SER C 157 8.22 10.68 -7.78
N GLY C 158 7.14 11.45 -7.63
CA GLY C 158 5.85 11.01 -8.13
C GLY C 158 5.09 10.09 -7.21
N ALA C 159 5.64 9.85 -6.02
CA ALA C 159 5.02 8.97 -5.04
C ALA C 159 4.17 9.76 -4.04
N VAL C 160 3.03 9.19 -3.66
CA VAL C 160 2.14 9.83 -2.68
C VAL C 160 2.57 9.39 -1.28
N VAL C 161 2.91 10.37 -0.44
CA VAL C 161 3.36 10.13 0.93
C VAL C 161 2.28 10.50 1.95
N LYS C 162 2.04 9.61 2.91
CA LYS C 162 1.05 9.87 3.95
C LYS C 162 1.80 10.12 5.27
N VAL C 163 1.38 11.14 6.01
CA VAL C 163 2.01 11.47 7.27
C VAL C 163 0.99 11.58 8.40
N THR C 164 1.38 11.05 9.57
CA THR C 164 0.52 11.14 10.73
C THR C 164 1.33 11.75 11.86
N VAL C 165 0.78 12.81 12.44
CA VAL C 165 1.44 13.50 13.53
C VAL C 165 0.55 13.53 14.78
N ILE C 166 1.16 13.23 15.92
CA ILE C 166 0.46 13.25 17.20
C ILE C 166 1.24 14.12 18.17
N TYR C 167 0.59 15.13 18.73
CA TYR C 167 1.24 15.96 19.73
C TYR C 167 0.58 15.62 21.07
N ASP C 168 1.34 15.02 21.98
CA ASP C 168 0.79 14.71 23.29
C ASP C 168 1.09 15.88 24.21
N SER C 169 0.03 16.46 24.75
CA SER C 169 0.13 17.59 25.65
C SER C 169 1.00 17.36 26.91
N SER C 170 0.64 16.37 27.71
CA SER C 170 1.35 16.04 28.96
C SER C 170 2.85 15.83 28.80
N THR C 171 3.24 14.99 27.85
CA THR C 171 4.66 14.72 27.63
C THR C 171 5.30 15.77 26.74
N LYS C 172 4.47 16.61 26.10
CA LYS C 172 4.96 17.64 25.19
C LYS C 172 5.75 16.94 24.08
N THR C 173 5.31 15.75 23.72
CA THR C 173 6.00 15.00 22.68
C THR C 173 5.31 15.15 21.33
N LEU C 174 6.10 15.41 20.31
CA LEU C 174 5.58 15.52 18.95
C LEU C 174 6.18 14.34 18.21
N SER C 175 5.34 13.39 17.81
CA SER C 175 5.84 12.22 17.09
C SER C 175 5.22 12.14 15.71
N VAL C 176 6.05 11.75 14.75
CA VAL C 176 5.63 11.68 13.36
C VAL C 176 5.89 10.33 12.71
N ALA C 177 4.98 9.93 11.82
CA ALA C 177 5.11 8.66 11.11
C ALA C 177 4.92 8.95 9.62
N VAL C 178 5.84 8.46 8.80
CA VAL C 178 5.76 8.69 7.36
C VAL C 178 5.75 7.40 6.55
N THR C 179 4.84 7.34 5.57
CA THR C 179 4.67 6.16 4.72
C THR C 179 5.41 6.24 3.39
N ASN C 180 6.43 5.38 3.22
CA ASN C 180 7.23 5.32 2.01
C ASN C 180 6.56 4.56 0.87
N ASP C 181 7.13 4.70 -0.33
CA ASP C 181 6.61 4.04 -1.53
C ASP C 181 6.88 2.54 -1.45
N ASN C 182 8.01 2.17 -0.86
CA ASN C 182 8.38 0.76 -0.71
C ASN C 182 7.51 0.08 0.34
N GLY C 183 6.72 0.88 1.05
CA GLY C 183 5.84 0.33 2.08
C GLY C 183 6.32 0.61 3.48
N ASP C 184 7.64 0.65 3.67
CA ASP C 184 8.24 0.90 4.97
C ASP C 184 7.70 2.17 5.62
N ILE C 185 7.74 2.23 6.94
CA ILE C 185 7.31 3.45 7.63
C ILE C 185 8.52 4.03 8.32
N THR C 186 8.52 5.34 8.45
CA THR C 186 9.60 6.07 9.09
C THR C 186 9.00 6.96 10.15
N THR C 187 9.64 7.00 11.32
CA THR C 187 9.16 7.84 12.40
C THR C 187 10.26 8.68 13.01
N ILE C 188 9.84 9.74 13.68
CA ILE C 188 10.73 10.66 14.38
C ILE C 188 9.85 11.40 15.38
N ALA C 189 10.36 11.51 16.60
CA ALA C 189 9.62 12.19 17.65
C ALA C 189 10.58 13.11 18.41
N GLN C 190 10.02 14.17 18.99
CA GLN C 190 10.83 15.12 19.76
C GLN C 190 9.95 15.90 20.73
N VAL C 191 10.47 16.10 21.94
CA VAL C 191 9.79 16.87 22.95
C VAL C 191 9.89 18.34 22.52
N VAL C 192 8.75 19.00 22.46
CA VAL C 192 8.71 20.41 22.06
C VAL C 192 7.66 21.11 22.91
N ASP C 193 8.08 22.13 23.66
CA ASP C 193 7.17 22.89 24.53
C ASP C 193 6.50 23.99 23.71
N LEU C 194 5.37 23.66 23.08
CA LEU C 194 4.65 24.65 22.27
C LEU C 194 4.27 25.89 23.06
N LYS C 195 3.99 25.71 24.35
CA LYS C 195 3.61 26.84 25.17
C LYS C 195 4.79 27.82 25.23
N ALA C 196 5.98 27.28 25.48
CA ALA C 196 7.17 28.12 25.55
C ALA C 196 7.62 28.65 24.19
N LYS C 197 7.45 27.85 23.15
CA LYS C 197 7.90 28.24 21.81
C LYS C 197 6.91 28.99 20.91
N LEU C 198 5.62 28.88 21.18
CA LEU C 198 4.62 29.52 20.35
C LEU C 198 3.56 30.26 21.15
N PRO C 199 2.90 31.25 20.52
CA PRO C 199 1.84 32.03 21.18
C PRO C 199 0.57 31.19 21.35
N GLU C 200 -0.35 31.68 22.18
CA GLU C 200 -1.62 30.99 22.44
C GLU C 200 -2.36 30.63 21.16
N ARG C 201 -2.47 31.60 20.25
CA ARG C 201 -3.13 31.35 18.98
C ARG C 201 -2.07 31.17 17.89
N VAL C 202 -2.25 30.13 17.07
CA VAL C 202 -1.31 29.88 16.00
C VAL C 202 -2.04 29.43 14.74
N LYS C 203 -1.28 29.32 13.65
CA LYS C 203 -1.84 28.84 12.40
C LYS C 203 -1.00 27.65 11.99
N PHE C 204 -1.64 26.66 11.38
CA PHE C 204 -0.96 25.46 10.92
C PHE C 204 -0.92 25.56 9.41
N GLY C 205 0.10 24.97 8.80
CA GLY C 205 0.16 25.02 7.35
C GLY C 205 1.36 24.35 6.73
N PHE C 206 1.51 24.55 5.42
CA PHE C 206 2.60 23.94 4.68
C PHE C 206 3.36 25.01 3.91
N SER C 207 4.64 24.76 3.68
CA SER C 207 5.49 25.68 2.94
C SER C 207 6.50 24.88 2.14
N ALA C 208 6.87 25.38 0.97
CA ALA C 208 7.86 24.71 0.13
C ALA C 208 8.63 25.81 -0.60
N SER C 209 9.87 25.53 -0.95
CA SER C 209 10.67 26.53 -1.65
C SER C 209 11.63 25.93 -2.66
N GLY C 210 12.11 26.80 -3.55
CA GLY C 210 13.06 26.39 -4.56
C GLY C 210 14.07 27.49 -4.77
N SER C 211 15.06 27.24 -5.61
CA SER C 211 16.11 28.22 -5.90
C SER C 211 16.28 28.40 -7.40
N LEU C 212 17.47 28.84 -7.80
CA LEU C 212 17.76 29.03 -9.21
C LEU C 212 17.82 27.65 -9.86
N GLY C 213 18.69 26.80 -9.34
CA GLY C 213 18.84 25.46 -9.88
C GLY C 213 18.03 24.41 -9.15
N GLY C 214 17.56 24.74 -7.95
CA GLY C 214 16.76 23.79 -7.18
C GLY C 214 15.26 23.98 -7.33
N ARG C 215 14.61 23.07 -8.05
CA ARG C 215 13.17 23.14 -8.25
C ARG C 215 12.54 21.76 -8.43
N GLN C 216 11.29 21.63 -8.00
CA GLN C 216 10.54 20.39 -8.12
C GLN C 216 9.08 20.67 -7.80
N ILE C 217 8.23 19.70 -8.10
CA ILE C 217 6.80 19.82 -7.85
C ILE C 217 6.52 19.53 -6.39
N HIS C 218 5.92 20.48 -5.69
CA HIS C 218 5.57 20.32 -4.28
C HIS C 218 4.05 20.34 -4.15
N LEU C 219 3.43 19.17 -4.02
CA LEU C 219 1.99 19.08 -3.91
C LEU C 219 1.44 18.67 -2.55
N ILE C 220 0.36 19.32 -2.12
CA ILE C 220 -0.31 18.98 -0.88
C ILE C 220 -1.64 18.42 -1.36
N ARG C 221 -1.87 17.13 -1.13
CA ARG C 221 -3.09 16.47 -1.62
C ARG C 221 -4.31 16.39 -0.70
N SER C 222 -4.09 16.28 0.60
CA SER C 222 -5.21 16.19 1.53
C SER C 222 -4.71 16.52 2.92
N TRP C 223 -5.64 16.76 3.84
CA TRP C 223 -5.24 17.15 5.19
C TRP C 223 -6.42 17.12 6.17
N SER C 224 -6.28 16.30 7.22
CA SER C 224 -7.28 16.20 8.27
C SER C 224 -6.61 16.66 9.56
N PHE C 225 -7.39 17.18 10.51
CA PHE C 225 -6.80 17.70 11.74
C PHE C 225 -7.82 17.79 12.87
N THR C 226 -7.39 17.40 14.07
CA THR C 226 -8.23 17.46 15.26
C THR C 226 -7.37 17.83 16.46
N SER C 227 -7.77 18.89 17.16
CA SER C 227 -7.05 19.35 18.34
C SER C 227 -8.06 19.57 19.45
N THR C 228 -7.70 19.18 20.67
CA THR C 228 -8.59 19.37 21.80
C THR C 228 -7.85 19.99 22.98
N LEU C 229 -8.41 21.09 23.45
CA LEU C 229 -7.86 21.85 24.56
C LEU C 229 -8.84 21.77 25.73
N ILE C 230 -8.38 21.25 26.85
CA ILE C 230 -9.21 21.17 28.03
C ILE C 230 -9.32 22.58 28.58
N THR C 231 -10.54 23.00 28.88
CA THR C 231 -10.76 24.33 29.42
C THR C 231 -11.36 24.21 30.82
N THR C 232 -10.52 23.82 31.77
CA THR C 232 -10.93 23.66 33.15
C THR C 232 -9.76 23.15 34.01
N ALA D 1 12.13 -10.89 -33.32
CA ALA D 1 10.97 -10.26 -32.63
C ALA D 1 10.97 -8.76 -32.80
N GLU D 2 9.79 -8.15 -32.70
CA GLU D 2 9.64 -6.71 -32.84
C GLU D 2 8.99 -6.16 -31.58
N THR D 3 9.73 -5.38 -30.82
CA THR D 3 9.21 -4.83 -29.57
C THR D 3 9.05 -3.32 -29.51
N VAL D 4 7.99 -2.90 -28.82
CA VAL D 4 7.69 -1.49 -28.61
C VAL D 4 7.57 -1.30 -27.09
N SER D 5 8.40 -0.45 -26.52
CA SER D 5 8.32 -0.21 -25.08
C SER D 5 8.60 1.23 -24.75
N PHE D 6 7.85 1.75 -23.79
CA PHE D 6 8.01 3.12 -23.35
C PHE D 6 7.57 3.24 -21.90
N ASN D 7 7.92 4.37 -21.29
CA ASN D 7 7.55 4.59 -19.91
C ASN D 7 7.37 6.08 -19.66
N PHE D 8 6.29 6.41 -18.98
CA PHE D 8 5.99 7.79 -18.64
C PHE D 8 5.81 7.89 -17.15
N ASN D 9 6.68 8.64 -16.50
CA ASN D 9 6.57 8.87 -15.07
C ASN D 9 5.76 10.15 -14.95
N SER D 10 5.85 10.95 -16.02
CA SER D 10 5.15 12.23 -16.09
C SER D 10 4.86 12.55 -17.55
N PHE D 11 3.94 13.49 -17.76
CA PHE D 11 3.54 13.88 -19.11
C PHE D 11 3.75 15.37 -19.32
N SER D 12 4.05 15.75 -20.56
CA SER D 12 4.25 17.15 -20.90
C SER D 12 3.52 17.47 -22.20
N GLU D 13 2.68 18.50 -22.15
CA GLU D 13 1.87 18.93 -23.29
C GLU D 13 2.67 19.11 -24.58
N GLY D 14 3.90 19.60 -24.46
CA GLY D 14 4.72 19.82 -25.63
C GLY D 14 5.19 18.56 -26.33
N ASN D 15 5.60 17.57 -25.54
CA ASN D 15 6.08 16.30 -26.07
C ASN D 15 5.15 15.75 -27.16
N PRO D 16 5.68 15.56 -28.38
CA PRO D 16 4.92 15.04 -29.52
C PRO D 16 4.74 13.52 -29.49
N ALA D 17 5.37 12.87 -28.50
CA ALA D 17 5.28 11.42 -28.37
C ALA D 17 3.85 10.99 -28.06
N ILE D 18 2.97 11.97 -27.84
CA ILE D 18 1.58 11.67 -27.52
C ILE D 18 0.61 12.58 -28.25
N ASN D 19 -0.52 12.01 -28.68
CA ASN D 19 -1.54 12.79 -29.37
C ASN D 19 -2.60 13.21 -28.35
N PHE D 20 -2.92 14.49 -28.33
CA PHE D 20 -3.93 15.00 -27.41
C PHE D 20 -5.18 15.30 -28.20
N GLN D 21 -6.28 14.69 -27.79
CA GLN D 21 -7.55 14.88 -28.47
C GLN D 21 -8.59 15.42 -27.51
N GLY D 22 -9.44 16.31 -28.02
CA GLY D 22 -10.50 16.88 -27.19
C GLY D 22 -10.05 17.82 -26.10
N ASP D 23 -10.70 17.71 -24.94
CA ASP D 23 -10.44 18.57 -23.79
C ASP D 23 -9.24 18.20 -22.92
N VAL D 24 -8.48 17.18 -23.29
CA VAL D 24 -7.33 16.77 -22.51
C VAL D 24 -6.37 17.92 -22.23
N THR D 25 -5.78 17.90 -21.05
CA THR D 25 -4.82 18.91 -20.66
C THR D 25 -3.74 18.23 -19.84
N VAL D 26 -2.62 18.91 -19.65
CA VAL D 26 -1.51 18.37 -18.87
C VAL D 26 -1.22 19.38 -17.77
N LEU D 27 -1.40 18.97 -16.51
CA LEU D 27 -1.18 19.85 -15.38
C LEU D 27 0.31 20.06 -15.10
N SER D 28 0.62 21.15 -14.40
CA SER D 28 2.00 21.47 -14.08
C SER D 28 2.69 20.35 -13.31
N ASN D 29 1.89 19.51 -12.67
CA ASN D 29 2.45 18.40 -11.89
C ASN D 29 2.72 17.19 -12.79
N GLY D 30 2.54 17.36 -14.10
CA GLY D 30 2.79 16.27 -15.03
C GLY D 30 1.64 15.30 -15.24
N ASN D 31 0.51 15.54 -14.55
CA ASN D 31 -0.66 14.68 -14.69
C ASN D 31 -1.46 15.04 -15.93
N ILE D 32 -1.97 14.02 -16.62
CA ILE D 32 -2.82 14.25 -17.77
C ILE D 32 -4.25 14.29 -17.23
N GLN D 33 -4.96 15.39 -17.49
CA GLN D 33 -6.34 15.50 -17.05
C GLN D 33 -7.14 15.34 -18.32
N LEU D 34 -7.83 14.21 -18.44
CA LEU D 34 -8.61 13.90 -19.63
C LEU D 34 -9.76 14.84 -19.96
N THR D 35 -10.52 15.28 -18.97
CA THR D 35 -11.66 16.15 -19.28
C THR D 35 -11.62 17.54 -18.66
N ASN D 36 -12.38 18.45 -19.27
CA ASN D 36 -12.50 19.83 -18.81
C ASN D 36 -13.73 19.85 -17.91
N LEU D 37 -13.52 20.15 -16.64
CA LEU D 37 -14.60 20.18 -15.65
C LEU D 37 -15.65 21.26 -15.91
N ASN D 38 -15.24 22.34 -16.57
CA ASN D 38 -16.14 23.46 -16.85
C ASN D 38 -16.81 23.36 -18.22
N LYS D 39 -16.96 22.15 -18.74
CA LYS D 39 -17.57 21.95 -20.04
C LYS D 39 -18.58 20.81 -20.04
N VAL D 40 -19.67 20.99 -20.79
CA VAL D 40 -20.72 19.98 -20.90
C VAL D 40 -20.29 18.92 -21.90
N ASN D 41 -20.64 17.67 -21.63
CA ASN D 41 -20.30 16.56 -22.51
C ASN D 41 -18.84 16.63 -22.91
N SER D 42 -17.99 16.88 -21.92
CA SER D 42 -16.56 16.98 -22.16
C SER D 42 -16.00 15.60 -22.52
N VAL D 43 -14.96 15.59 -23.34
CA VAL D 43 -14.29 14.37 -23.75
C VAL D 43 -12.83 14.65 -24.05
N GLY D 44 -11.96 13.84 -23.47
CA GLY D 44 -10.54 14.01 -23.70
C GLY D 44 -9.90 12.65 -23.84
N ARG D 45 -8.95 12.55 -24.76
CA ARG D 45 -8.26 11.30 -24.97
C ARG D 45 -6.79 11.56 -25.26
N VAL D 46 -5.99 10.52 -25.13
CA VAL D 46 -4.58 10.63 -25.35
C VAL D 46 -4.14 9.29 -25.95
N LEU D 47 -3.31 9.35 -26.99
CA LEU D 47 -2.85 8.11 -27.61
C LEU D 47 -1.34 8.16 -27.72
N TYR D 48 -0.70 7.00 -27.59
CA TYR D 48 0.75 6.96 -27.73
C TYR D 48 0.90 7.28 -29.22
N ALA D 49 1.61 8.36 -29.53
CA ALA D 49 1.79 8.78 -30.92
C ALA D 49 2.20 7.71 -31.91
N MET D 50 3.13 6.84 -31.52
CA MET D 50 3.59 5.79 -32.41
C MET D 50 2.61 4.65 -32.58
N PRO D 51 2.12 4.44 -33.82
CA PRO D 51 1.18 3.34 -34.01
C PRO D 51 1.92 2.03 -33.75
N VAL D 52 1.25 1.12 -33.05
CA VAL D 52 1.86 -0.17 -32.72
C VAL D 52 1.27 -1.29 -33.56
N ARG D 53 2.15 -2.03 -34.20
CA ARG D 53 1.79 -3.15 -35.05
C ARG D 53 1.50 -4.35 -34.15
N ILE D 54 0.23 -4.73 -34.02
CA ILE D 54 -0.13 -5.85 -33.17
C ILE D 54 -0.18 -7.21 -33.87
N TRP D 55 -0.13 -7.21 -35.20
CA TRP D 55 -0.11 -8.46 -35.93
C TRP D 55 0.47 -8.31 -37.32
N SER D 56 1.01 -9.41 -37.84
CA SER D 56 1.65 -9.40 -39.16
C SER D 56 0.80 -10.02 -40.24
N SER D 57 0.69 -9.32 -41.35
CA SER D 57 -0.06 -9.79 -42.50
C SER D 57 0.77 -10.85 -43.23
N ALA D 58 2.03 -10.98 -42.83
CA ALA D 58 2.91 -11.96 -43.45
C ALA D 58 2.86 -13.30 -42.73
N THR D 59 2.89 -13.28 -41.40
CA THR D 59 2.87 -14.51 -40.62
C THR D 59 1.55 -14.88 -39.96
N GLY D 60 0.78 -13.86 -39.57
CA GLY D 60 -0.49 -14.12 -38.90
C GLY D 60 -0.27 -14.04 -37.40
N ASN D 61 0.97 -13.82 -37.00
CA ASN D 61 1.34 -13.70 -35.59
C ASN D 61 0.73 -12.46 -34.97
N VAL D 62 0.30 -12.58 -33.72
CA VAL D 62 -0.26 -11.44 -33.00
C VAL D 62 0.68 -11.19 -31.83
N ALA D 63 0.81 -9.94 -31.43
CA ALA D 63 1.72 -9.60 -30.35
C ALA D 63 1.12 -9.78 -28.97
N SER D 64 2.00 -9.83 -27.99
CA SER D 64 1.61 -9.93 -26.60
C SER D 64 2.10 -8.61 -26.04
N PHE D 65 1.48 -8.16 -24.95
CA PHE D 65 1.94 -6.94 -24.33
C PHE D 65 1.69 -7.01 -22.84
N LEU D 66 2.45 -6.19 -22.13
CA LEU D 66 2.38 -6.06 -20.70
C LEU D 66 2.34 -4.56 -20.51
N THR D 67 1.30 -4.08 -19.86
CA THR D 67 1.22 -2.66 -19.66
C THR D 67 0.67 -2.37 -18.27
N SER D 68 1.16 -1.29 -17.67
CA SER D 68 0.68 -0.88 -16.36
C SER D 68 0.56 0.63 -16.34
N PHE D 69 -0.40 1.12 -15.56
CA PHE D 69 -0.63 2.54 -15.46
C PHE D 69 -1.35 2.87 -14.17
N SER D 70 -1.31 4.15 -13.79
CA SER D 70 -1.96 4.60 -12.58
C SER D 70 -2.81 5.81 -12.92
N PHE D 71 -4.03 5.82 -12.41
CA PHE D 71 -4.92 6.93 -12.67
C PHE D 71 -5.53 7.38 -11.37
N GLU D 72 -6.29 8.46 -11.44
CA GLU D 72 -6.96 8.99 -10.28
C GLU D 72 -8.26 9.64 -10.71
N MET D 73 -9.32 9.38 -9.98
CA MET D 73 -10.62 9.99 -10.25
C MET D 73 -11.09 10.63 -8.96
N LYS D 74 -11.44 11.91 -9.02
CA LYS D 74 -11.91 12.61 -7.82
C LYS D 74 -13.22 13.34 -8.06
N ASP D 75 -14.10 13.34 -7.05
CA ASP D 75 -15.40 14.00 -7.15
C ASP D 75 -15.28 15.51 -7.08
N ILE D 76 -16.35 16.19 -7.49
CA ILE D 76 -16.40 17.64 -7.45
C ILE D 76 -17.82 18.09 -7.14
N LYS D 77 -17.94 19.18 -6.41
CA LYS D 77 -19.23 19.76 -6.06
C LYS D 77 -19.58 20.67 -7.22
N ASP D 78 -20.80 20.60 -7.76
CA ASP D 78 -21.86 19.70 -7.35
C ASP D 78 -22.23 18.88 -8.58
N TYR D 79 -21.54 17.77 -8.81
CA TYR D 79 -21.81 16.96 -9.98
C TYR D 79 -21.65 15.49 -9.65
N ASP D 80 -22.40 14.65 -10.36
CA ASP D 80 -22.30 13.22 -10.16
C ASP D 80 -20.92 12.80 -10.64
N PRO D 81 -20.20 11.98 -9.85
CA PRO D 81 -18.87 11.52 -10.24
C PRO D 81 -18.94 10.60 -11.45
N ALA D 82 -18.94 11.19 -12.63
CA ALA D 82 -19.01 10.44 -13.88
C ALA D 82 -17.99 11.02 -14.88
N ASP D 83 -17.71 10.29 -15.96
CA ASP D 83 -18.29 8.99 -16.27
C ASP D 83 -17.31 7.83 -16.15
N GLY D 84 -16.01 8.13 -16.12
CA GLY D 84 -15.04 7.06 -16.01
C GLY D 84 -13.93 7.14 -17.03
N ILE D 85 -12.97 6.23 -16.93
CA ILE D 85 -11.83 6.18 -17.83
C ILE D 85 -11.76 4.83 -18.52
N ILE D 86 -11.32 4.83 -19.77
CA ILE D 86 -11.17 3.58 -20.51
C ILE D 86 -9.81 3.55 -21.20
N PHE D 87 -9.07 2.47 -20.95
CA PHE D 87 -7.78 2.27 -21.59
C PHE D 87 -8.19 1.56 -22.87
N PHE D 88 -7.87 2.13 -24.02
CA PHE D 88 -8.29 1.50 -25.26
C PHE D 88 -7.25 1.31 -26.34
N ILE D 89 -7.61 0.45 -27.27
CA ILE D 89 -6.81 0.09 -28.42
C ILE D 89 -7.74 0.34 -29.61
N ALA D 90 -7.25 1.01 -30.64
CA ALA D 90 -8.09 1.31 -31.80
C ALA D 90 -7.28 1.60 -33.06
N PRO D 91 -7.98 1.75 -34.22
CA PRO D 91 -7.33 2.04 -35.50
C PRO D 91 -6.45 3.26 -35.29
N GLU D 92 -5.30 3.32 -35.94
CA GLU D 92 -4.42 4.47 -35.74
C GLU D 92 -5.02 5.80 -36.15
N ASP D 93 -6.06 5.78 -36.97
CA ASP D 93 -6.70 7.02 -37.40
C ASP D 93 -7.85 7.40 -36.46
N THR D 94 -7.90 6.75 -35.30
CA THR D 94 -8.95 7.02 -34.33
C THR D 94 -8.99 8.47 -33.84
N GLN D 95 -10.20 9.01 -33.77
CA GLN D 95 -10.45 10.37 -33.31
C GLN D 95 -11.75 10.30 -32.51
N ILE D 96 -11.96 11.26 -31.62
CA ILE D 96 -13.18 11.26 -30.81
C ILE D 96 -14.36 11.19 -31.76
N PRO D 97 -15.31 10.28 -31.51
CA PRO D 97 -16.49 10.14 -32.38
C PRO D 97 -17.12 11.49 -32.68
N ALA D 98 -17.55 11.66 -33.92
CA ALA D 98 -18.19 12.89 -34.37
C ALA D 98 -19.50 13.12 -33.60
N GLY D 99 -19.70 14.36 -33.15
CA GLY D 99 -20.92 14.69 -32.42
C GLY D 99 -21.01 13.98 -31.08
N SER D 100 -19.86 13.60 -30.54
CA SER D 100 -19.81 12.90 -29.27
C SER D 100 -20.65 13.57 -28.17
N ILE D 101 -21.42 12.76 -27.45
CA ILE D 101 -22.24 13.27 -26.37
C ILE D 101 -21.54 12.98 -25.04
N GLY D 102 -20.30 12.48 -25.13
CA GLY D 102 -19.55 12.16 -23.94
C GLY D 102 -20.32 11.20 -23.04
N GLY D 103 -20.44 11.57 -21.77
CA GLY D 103 -21.17 10.74 -20.84
C GLY D 103 -20.76 9.28 -20.79
N GLY D 104 -21.74 8.40 -20.96
CA GLY D 104 -21.49 6.97 -20.90
C GLY D 104 -20.79 6.33 -22.09
N THR D 105 -20.58 7.09 -23.15
CA THR D 105 -19.91 6.57 -24.33
C THR D 105 -18.42 6.50 -24.01
N LEU D 106 -18.01 7.23 -22.99
CA LEU D 106 -16.61 7.26 -22.56
C LEU D 106 -15.65 7.81 -23.63
N GLY D 107 -16.19 8.58 -24.56
CA GLY D 107 -15.37 9.18 -25.62
C GLY D 107 -14.90 8.24 -26.72
N VAL D 108 -15.31 6.98 -26.65
CA VAL D 108 -14.89 6.00 -27.66
C VAL D 108 -16.02 5.45 -28.52
N SER D 109 -17.27 5.72 -28.16
CA SER D 109 -18.40 5.20 -28.94
C SER D 109 -19.42 6.25 -29.35
N ASP D 110 -20.30 5.86 -30.26
CA ASP D 110 -21.37 6.75 -30.71
C ASP D 110 -22.48 6.66 -29.66
N THR D 111 -23.60 7.32 -29.93
CA THR D 111 -24.72 7.33 -29.00
C THR D 111 -25.28 5.94 -28.67
N LYS D 112 -25.28 5.04 -29.63
CA LYS D 112 -25.78 3.68 -29.40
C LYS D 112 -24.80 2.88 -28.55
N GLY D 113 -23.59 3.42 -28.39
CA GLY D 113 -22.57 2.74 -27.59
C GLY D 113 -21.60 1.91 -28.41
N ALA D 114 -21.66 2.02 -29.73
CA ALA D 114 -20.78 1.27 -30.61
C ALA D 114 -19.63 2.11 -31.14
N GLY D 115 -18.51 1.43 -31.42
CA GLY D 115 -17.33 2.07 -31.95
C GLY D 115 -16.31 1.02 -32.30
N HIS D 116 -15.21 1.42 -32.95
CA HIS D 116 -14.18 0.47 -33.33
C HIS D 116 -13.03 0.60 -32.35
N PHE D 117 -13.03 -0.29 -31.37
CA PHE D 117 -12.01 -0.27 -30.33
C PHE D 117 -12.17 -1.47 -29.42
N VAL D 118 -11.12 -1.73 -28.67
CA VAL D 118 -11.08 -2.79 -27.68
C VAL D 118 -10.50 -2.07 -26.45
N GLY D 119 -11.12 -2.26 -25.29
CA GLY D 119 -10.60 -1.59 -24.12
C GLY D 119 -11.01 -2.14 -22.77
N VAL D 120 -10.44 -1.55 -21.73
CA VAL D 120 -10.72 -1.90 -20.36
C VAL D 120 -11.24 -0.62 -19.74
N GLU D 121 -12.52 -0.60 -19.40
CA GLU D 121 -13.12 0.58 -18.81
C GLU D 121 -13.19 0.50 -17.29
N PHE D 122 -13.13 1.68 -16.67
CA PHE D 122 -13.20 1.85 -15.23
C PHE D 122 -14.37 2.82 -15.15
N ASP D 123 -15.55 2.22 -15.14
CA ASP D 123 -16.83 2.91 -15.16
C ASP D 123 -17.37 3.36 -13.82
N THR D 124 -17.72 4.63 -13.70
CA THR D 124 -18.23 5.14 -12.42
C THR D 124 -19.69 5.61 -12.40
N TYR D 125 -20.47 5.20 -13.39
CA TYR D 125 -21.87 5.59 -13.45
C TYR D 125 -22.65 4.51 -14.17
N SER D 126 -23.83 4.15 -13.64
CA SER D 126 -24.62 3.09 -14.26
C SER D 126 -25.55 3.59 -15.36
N ASN D 127 -25.16 3.35 -16.61
CA ASN D 127 -25.97 3.71 -17.76
C ASN D 127 -26.79 2.48 -18.15
N SER D 128 -28.10 2.55 -18.00
CA SER D 128 -28.96 1.42 -18.34
C SER D 128 -29.05 1.20 -19.85
N GLU D 129 -28.91 2.29 -20.61
CA GLU D 129 -28.99 2.20 -22.07
C GLU D 129 -27.84 1.37 -22.64
N TYR D 130 -26.78 1.20 -21.86
CA TYR D 130 -25.63 0.43 -22.29
C TYR D 130 -25.52 -0.85 -21.48
N ASN D 131 -26.59 -1.17 -20.78
CA ASN D 131 -26.66 -2.37 -19.95
C ASN D 131 -25.62 -2.46 -18.86
N ASP D 132 -25.28 -1.34 -18.24
CA ASP D 132 -24.31 -1.34 -17.17
C ASP D 132 -24.80 -1.99 -15.89
N PRO D 133 -23.87 -2.53 -15.09
CA PRO D 133 -24.23 -3.17 -13.83
C PRO D 133 -24.72 -2.05 -12.93
N PRO D 134 -25.17 -2.37 -11.70
CA PRO D 134 -25.65 -1.30 -10.84
C PRO D 134 -24.56 -0.49 -10.12
N THR D 135 -23.44 -1.12 -9.81
CA THR D 135 -22.36 -0.43 -9.12
C THR D 135 -21.17 -0.10 -10.02
N ASP D 136 -20.18 0.58 -9.45
CA ASP D 136 -18.98 0.93 -10.19
C ASP D 136 -18.40 -0.40 -10.65
N HIS D 137 -17.79 -0.42 -11.83
CA HIS D 137 -17.25 -1.66 -12.36
C HIS D 137 -16.12 -1.47 -13.36
N VAL D 138 -15.36 -2.54 -13.55
CA VAL D 138 -14.28 -2.56 -14.53
C VAL D 138 -14.82 -3.51 -15.59
N GLY D 139 -14.68 -3.15 -16.86
CA GLY D 139 -15.18 -4.02 -17.90
C GLY D 139 -14.29 -4.16 -19.11
N ILE D 140 -14.45 -5.27 -19.82
CA ILE D 140 -13.72 -5.54 -21.05
C ILE D 140 -14.67 -5.15 -22.18
N ASP D 141 -14.27 -4.17 -22.98
CA ASP D 141 -15.10 -3.70 -24.08
C ASP D 141 -14.55 -4.07 -25.45
N VAL D 142 -15.42 -4.61 -26.29
CA VAL D 142 -15.07 -4.97 -27.66
C VAL D 142 -16.08 -4.30 -28.58
N ASN D 143 -15.66 -3.18 -29.18
CA ASN D 143 -16.48 -2.39 -30.09
C ASN D 143 -17.79 -1.89 -29.50
N SER D 144 -17.84 -1.75 -28.18
CA SER D 144 -19.06 -1.29 -27.53
C SER D 144 -18.90 -1.04 -26.04
N VAL D 145 -19.63 -0.05 -25.52
CA VAL D 145 -19.59 0.26 -24.10
C VAL D 145 -20.52 -0.68 -23.34
N ASP D 146 -21.20 -1.55 -24.09
CA ASP D 146 -22.06 -2.57 -23.50
C ASP D 146 -21.04 -3.70 -23.37
N SER D 147 -20.34 -3.71 -22.24
CA SER D 147 -19.28 -4.67 -21.95
C SER D 147 -19.53 -6.13 -22.19
N VAL D 148 -18.50 -6.81 -22.67
CA VAL D 148 -18.55 -8.25 -22.92
C VAL D 148 -18.63 -8.93 -21.56
N LYS D 149 -17.96 -8.32 -20.57
CA LYS D 149 -17.94 -8.81 -19.20
C LYS D 149 -17.56 -7.64 -18.31
N THR D 150 -18.01 -7.69 -17.05
CA THR D 150 -17.71 -6.65 -16.08
C THR D 150 -17.42 -7.31 -14.75
N VAL D 151 -16.93 -6.53 -13.80
CA VAL D 151 -16.64 -7.03 -12.46
C VAL D 151 -16.92 -5.89 -11.51
N PRO D 152 -17.54 -6.18 -10.36
CA PRO D 152 -17.82 -5.10 -9.41
C PRO D 152 -16.54 -4.42 -8.95
N TRP D 153 -16.59 -3.09 -8.86
CA TRP D 153 -15.42 -2.32 -8.44
C TRP D 153 -15.94 -1.07 -7.72
N ASN D 154 -15.04 -0.36 -7.04
CA ASN D 154 -15.42 0.84 -6.31
C ASN D 154 -14.44 1.96 -6.58
N SER D 155 -14.91 3.04 -7.20
CA SER D 155 -14.03 4.16 -7.48
C SER D 155 -13.96 5.07 -6.25
N VAL D 156 -12.79 5.14 -5.63
CA VAL D 156 -12.59 5.95 -4.44
C VAL D 156 -12.06 7.33 -4.86
N SER D 157 -12.79 8.37 -4.50
CA SER D 157 -12.41 9.74 -4.86
C SER D 157 -11.05 10.14 -4.31
N GLY D 158 -10.21 10.68 -5.18
CA GLY D 158 -8.88 11.12 -4.77
C GLY D 158 -7.91 9.98 -4.49
N ALA D 159 -8.26 8.78 -4.92
CA ALA D 159 -7.42 7.61 -4.71
C ALA D 159 -6.57 7.29 -5.93
N VAL D 160 -5.30 7.00 -5.71
CA VAL D 160 -4.43 6.63 -6.82
C VAL D 160 -4.69 5.14 -7.02
N VAL D 161 -4.94 4.76 -8.27
CA VAL D 161 -5.20 3.36 -8.58
C VAL D 161 -4.16 2.83 -9.55
N LYS D 162 -3.72 1.60 -9.34
CA LYS D 162 -2.73 1.04 -10.24
C LYS D 162 -3.31 -0.15 -10.98
N VAL D 163 -3.05 -0.18 -12.29
CA VAL D 163 -3.55 -1.23 -13.15
C VAL D 163 -2.43 -1.90 -13.92
N THR D 164 -2.51 -3.22 -14.02
CA THR D 164 -1.56 -4.01 -14.76
C THR D 164 -2.36 -4.84 -15.74
N VAL D 165 -2.00 -4.78 -17.01
CA VAL D 165 -2.71 -5.53 -18.05
C VAL D 165 -1.79 -6.45 -18.83
N ILE D 166 -2.20 -7.69 -18.99
CA ILE D 166 -1.43 -8.67 -19.75
C ILE D 166 -2.26 -9.22 -20.91
N TYR D 167 -1.72 -9.19 -22.12
CA TYR D 167 -2.41 -9.79 -23.24
C TYR D 167 -1.53 -10.90 -23.76
N ASP D 168 -2.03 -12.12 -23.71
CA ASP D 168 -1.30 -13.29 -24.17
C ASP D 168 -1.91 -13.69 -25.50
N SER D 169 -1.18 -13.46 -26.58
CA SER D 169 -1.68 -13.76 -27.92
C SER D 169 -2.02 -15.23 -28.23
N SER D 170 -1.28 -16.17 -27.67
CA SER D 170 -1.55 -17.59 -27.93
C SER D 170 -2.92 -18.04 -27.44
N THR D 171 -3.32 -17.55 -26.27
CA THR D 171 -4.64 -17.87 -25.73
C THR D 171 -5.60 -16.75 -26.04
N LYS D 172 -5.06 -15.67 -26.61
CA LYS D 172 -5.87 -14.50 -26.96
C LYS D 172 -6.59 -13.97 -25.71
N THR D 173 -5.93 -14.12 -24.57
CA THR D 173 -6.51 -13.67 -23.30
C THR D 173 -6.02 -12.30 -22.84
N LEU D 174 -6.96 -11.49 -22.38
CA LEU D 174 -6.69 -10.16 -21.87
C LEU D 174 -6.99 -10.19 -20.38
N SER D 175 -5.95 -10.10 -19.56
CA SER D 175 -6.09 -10.13 -18.10
C SER D 175 -5.79 -8.77 -17.49
N VAL D 176 -6.68 -8.33 -16.60
CA VAL D 176 -6.55 -7.05 -15.92
C VAL D 176 -6.49 -7.24 -14.40
N ALA D 177 -5.72 -6.37 -13.75
CA ALA D 177 -5.58 -6.40 -12.30
C ALA D 177 -5.58 -4.96 -11.80
N VAL D 178 -6.53 -4.66 -10.91
CA VAL D 178 -6.65 -3.31 -10.37
C VAL D 178 -6.39 -3.33 -8.87
N THR D 179 -5.46 -2.46 -8.43
CA THR D 179 -5.11 -2.37 -7.01
C THR D 179 -5.82 -1.17 -6.40
N ASN D 180 -6.86 -1.47 -5.63
CA ASN D 180 -7.69 -0.45 -4.97
C ASN D 180 -7.03 0.36 -3.88
N ASP D 181 -7.88 1.05 -3.11
CA ASP D 181 -7.45 1.89 -2.00
C ASP D 181 -7.30 1.10 -0.71
N ASN D 182 -8.24 0.20 -0.44
CA ASN D 182 -8.19 -0.61 0.77
C ASN D 182 -7.10 -1.67 0.70
N GLY D 183 -6.41 -1.74 -0.43
CA GLY D 183 -5.34 -2.69 -0.60
C GLY D 183 -5.76 -3.94 -1.35
N ASP D 184 -7.05 -4.06 -1.62
CA ASP D 184 -7.58 -5.22 -2.33
C ASP D 184 -7.37 -5.13 -3.84
N ILE D 185 -7.19 -6.28 -4.48
CA ILE D 185 -7.02 -6.30 -5.92
C ILE D 185 -8.30 -6.78 -6.55
N THR D 186 -8.55 -6.33 -7.78
CA THR D 186 -9.74 -6.71 -8.51
C THR D 186 -9.28 -7.14 -9.89
N THR D 187 -9.60 -8.37 -10.27
CA THR D 187 -9.20 -8.86 -11.59
C THR D 187 -10.40 -9.16 -12.47
N ILE D 188 -10.13 -9.21 -13.77
CA ILE D 188 -11.13 -9.52 -14.79
C ILE D 188 -10.34 -9.93 -16.03
N ALA D 189 -10.74 -11.06 -16.60
CA ALA D 189 -10.08 -11.56 -17.80
C ALA D 189 -11.12 -11.98 -18.82
N GLN D 190 -10.76 -11.82 -20.08
CA GLN D 190 -11.65 -12.18 -21.17
C GLN D 190 -10.84 -12.53 -22.40
N VAL D 191 -11.32 -13.52 -23.15
CA VAL D 191 -10.67 -13.89 -24.38
C VAL D 191 -11.15 -12.88 -25.42
N VAL D 192 -10.21 -12.24 -26.10
CA VAL D 192 -10.53 -11.27 -27.13
C VAL D 192 -9.50 -11.49 -28.25
N ASP D 193 -10.00 -11.76 -29.46
CA ASP D 193 -9.14 -11.98 -30.62
C ASP D 193 -8.83 -10.61 -31.23
N LEU D 194 -7.75 -9.98 -30.77
CA LEU D 194 -7.39 -8.67 -31.29
C LEU D 194 -7.24 -8.63 -32.80
N LYS D 195 -6.55 -9.62 -33.37
CA LYS D 195 -6.35 -9.64 -34.82
C LYS D 195 -7.68 -9.64 -35.56
N ALA D 196 -8.69 -10.28 -34.96
CA ALA D 196 -10.00 -10.35 -35.60
C ALA D 196 -10.80 -9.06 -35.44
N LYS D 197 -10.51 -8.31 -34.38
CA LYS D 197 -11.23 -7.08 -34.08
C LYS D 197 -10.54 -5.77 -34.49
N LEU D 198 -9.21 -5.81 -34.54
CA LEU D 198 -8.44 -4.62 -34.86
C LEU D 198 -7.52 -4.75 -36.05
N PRO D 199 -7.19 -3.62 -36.69
CA PRO D 199 -6.30 -3.64 -37.86
C PRO D 199 -4.84 -3.91 -37.47
N GLU D 200 -4.02 -4.15 -38.47
CA GLU D 200 -2.61 -4.44 -38.32
C GLU D 200 -1.87 -3.46 -37.40
N ARG D 201 -2.07 -2.16 -37.61
CA ARG D 201 -1.41 -1.17 -36.77
C ARG D 201 -2.48 -0.39 -36.02
N VAL D 202 -2.23 -0.15 -34.73
CA VAL D 202 -3.18 0.56 -33.89
C VAL D 202 -2.52 1.55 -32.94
N LYS D 203 -3.36 2.23 -32.16
CA LYS D 203 -2.86 3.17 -31.18
C LYS D 203 -3.50 2.86 -29.84
N PHE D 204 -2.69 2.91 -28.79
CA PHE D 204 -3.16 2.66 -27.43
C PHE D 204 -3.31 4.02 -26.76
N GLY D 205 -4.29 4.15 -25.89
CA GLY D 205 -4.50 5.41 -25.21
C GLY D 205 -5.58 5.38 -24.16
N PHE D 206 -5.90 6.54 -23.61
CA PHE D 206 -6.94 6.63 -22.59
C PHE D 206 -7.97 7.67 -23.03
N SER D 207 -9.20 7.46 -22.59
CA SER D 207 -10.29 8.37 -22.89
C SER D 207 -11.16 8.47 -21.66
N ALA D 208 -11.79 9.61 -21.49
CA ALA D 208 -12.69 9.84 -20.37
C ALA D 208 -13.71 10.84 -20.88
N SER D 209 -14.87 10.88 -20.23
CA SER D 209 -15.92 11.78 -20.66
C SER D 209 -16.83 12.17 -19.51
N GLY D 210 -17.70 13.13 -19.78
CA GLY D 210 -18.64 13.60 -18.80
C GLY D 210 -19.86 14.10 -19.53
N SER D 211 -20.82 14.64 -18.80
CA SER D 211 -22.03 15.15 -19.40
C SER D 211 -22.38 16.50 -18.80
N LEU D 212 -23.68 16.81 -18.80
CA LEU D 212 -24.19 18.05 -18.25
C LEU D 212 -23.97 18.04 -16.74
N GLY D 213 -24.51 17.01 -16.08
CA GLY D 213 -24.38 16.90 -14.64
C GLY D 213 -23.32 15.90 -14.19
N GLY D 214 -22.86 15.07 -15.11
CA GLY D 214 -21.84 14.09 -14.74
C GLY D 214 -20.43 14.60 -14.99
N ARG D 215 -19.71 14.89 -13.90
CA ARG D 215 -18.34 15.38 -14.03
C ARG D 215 -17.48 14.99 -12.83
N GLN D 216 -16.18 14.79 -13.09
CA GLN D 216 -15.23 14.43 -12.07
C GLN D 216 -13.82 14.50 -12.66
N ILE D 217 -12.84 14.58 -11.79
CA ILE D 217 -11.45 14.64 -12.23
C ILE D 217 -11.01 13.28 -12.74
N HIS D 218 -10.53 13.24 -14.00
CA HIS D 218 -10.04 12.01 -14.61
C HIS D 218 -8.55 12.24 -14.88
N LEU D 219 -7.69 11.61 -14.11
CA LEU D 219 -6.25 11.82 -14.26
C LEU D 219 -5.44 10.59 -14.61
N ILE D 220 -4.47 10.76 -15.50
CA ILE D 220 -3.57 9.68 -15.88
C ILE D 220 -2.22 10.12 -15.31
N ARG D 221 -1.76 9.42 -14.29
CA ARG D 221 -0.51 9.75 -13.62
C ARG D 221 0.74 9.15 -14.25
N SER D 222 0.66 7.90 -14.71
CA SER D 222 1.81 7.26 -15.33
C SER D 222 1.36 6.13 -16.25
N TRP D 223 2.30 5.60 -17.03
CA TRP D 223 2.00 4.53 -17.97
C TRP D 223 3.26 3.90 -18.57
N SER D 224 3.39 2.58 -18.39
CA SER D 224 4.52 1.84 -18.93
C SER D 224 3.94 0.80 -19.89
N PHE D 225 4.68 0.47 -20.93
CA PHE D 225 4.18 -0.46 -21.92
C PHE D 225 5.27 -1.22 -22.67
N THR D 226 5.01 -2.49 -22.95
CA THR D 226 5.93 -3.33 -23.70
C THR D 226 5.16 -4.35 -24.50
N SER D 227 5.24 -4.26 -25.82
CA SER D 227 4.58 -5.21 -26.71
C SER D 227 5.68 -5.93 -27.47
N THR D 228 5.48 -7.22 -27.72
CA THR D 228 6.45 -8.01 -28.46
C THR D 228 5.72 -8.86 -29.50
N LEU D 229 6.12 -8.69 -30.76
CA LEU D 229 5.54 -9.44 -31.86
C LEU D 229 6.60 -10.34 -32.47
N ILE D 230 6.33 -11.63 -32.48
CA ILE D 230 7.26 -12.60 -33.05
C ILE D 230 7.27 -12.45 -34.58
N THR D 231 8.46 -12.20 -35.11
CA THR D 231 8.63 -12.01 -36.55
C THR D 231 9.50 -13.10 -37.16
N THR D 232 9.07 -14.35 -37.03
CA THR D 232 9.81 -15.49 -37.56
C THR D 232 9.01 -16.77 -37.45
C1 NGA E . 22.41 -39.54 -13.96
C2 NGA E . 23.14 -40.47 -14.97
C3 NGA E . 24.28 -39.66 -15.66
C4 NGA E . 23.73 -38.40 -16.49
C5 NGA E . 23.01 -37.43 -15.43
C6 NGA E . 22.39 -36.20 -16.08
C7 NGA E . 22.90 -42.82 -14.19
C8 NGA E . 22.62 -43.45 -12.84
N2 NGA E . 23.54 -41.60 -14.21
O1 NGA E . 23.28 -39.15 -12.86
O3 NGA E . 24.91 -40.51 -16.55
O4 NGA E . 22.80 -38.93 -17.48
O5 NGA E . 21.95 -38.28 -14.68
O6 NGA E . 21.79 -35.43 -15.03
O7 NGA E . 22.55 -43.42 -15.23
C1 GAL E . 21.15 -34.28 -15.57
C2 GAL E . 19.97 -33.73 -14.79
C3 GAL E . 19.50 -32.43 -15.42
C4 GAL E . 20.68 -31.29 -15.42
C5 GAL E . 21.91 -31.86 -16.22
C6 GAL E . 23.25 -31.23 -16.50
O2 GAL E . 18.98 -34.75 -14.81
O3 GAL E . 18.39 -31.95 -14.69
O4 GAL E . 21.17 -30.99 -14.11
O5 GAL E . 22.28 -33.26 -15.65
O6 GAL E . 24.41 -31.62 -17.18
CA CA F . 14.16 -29.27 -17.21
MN MN G . 10.55 -27.78 -18.28
S SO4 H . -15.79 -16.90 4.13
O1 SO4 H . -16.89 -15.94 3.92
O2 SO4 H . -16.31 -18.27 4.05
O3 SO4 H . -15.19 -16.69 5.46
O4 SO4 H . -14.76 -16.71 3.09
C1 GAL I . -15.49 -7.41 39.63
C2 GAL I . -14.31 -7.57 38.68
C3 GAL I . -14.19 -6.29 37.82
C4 GAL I . -15.55 -6.00 36.94
C5 GAL I . -16.75 -5.87 37.96
C6 GAL I . -18.22 -5.61 37.73
O1 GAL I . -15.86 -8.56 40.39
O2 GAL I . -13.17 -7.84 39.48
O3 GAL I . -13.10 -6.46 36.92
O4 GAL I . -15.88 -7.07 36.04
O5 GAL I . -16.76 -7.09 38.90
O6 GAL I . -19.34 -5.48 38.58
CA CA J . -10.11 -2.02 35.31
MN MN K . -6.86 0.45 34.05
S SO4 L . 19.43 -8.13 11.31
O1 SO4 L . 20.61 -7.42 10.76
O2 SO4 L . 19.82 -8.84 12.54
O3 SO4 L . 18.93 -9.10 10.31
O4 SO4 L . 18.38 -7.17 11.63
C1 GAL M . 21.53 25.84 -3.57
C2 GAL M . 20.43 26.22 -2.59
C3 GAL M . 19.69 24.95 -2.14
C4 GAL M . 18.99 24.19 -3.40
C5 GAL M . 20.10 23.82 -4.47
C6 GAL M . 19.99 23.13 -5.80
O1 GAL M . 22.34 26.88 -4.17
O2 GAL M . 21.08 26.92 -1.54
O3 GAL M . 18.67 25.31 -1.21
O4 GAL M . 18.02 25.01 -4.09
O5 GAL M . 20.99 25.06 -4.77
O6 GAL M . 20.90 22.75 -6.80
CA CA N . 17.91 21.43 3.02
MN MN O . 17.05 19.75 6.75
S SO4 P . -10.06 29.01 29.35
O1 SO4 P . -10.10 27.59 29.75
O2 SO4 P . -10.56 29.86 30.45
O3 SO4 P . -10.91 29.21 28.16
O4 SO4 P . -8.67 29.41 29.05
C1 GAL Q . -26.45 11.30 -18.08
C2 GAL Q . -25.37 10.59 -18.89
C3 GAL Q . -24.60 9.63 -17.96
C4 GAL Q . -23.88 10.42 -16.72
C5 GAL Q . -25.02 11.16 -15.90
C6 GAL Q . -24.92 12.04 -14.67
O1 GAL Q . -27.16 12.36 -18.72
O2 GAL Q . -26.04 9.95 -19.97
O3 GAL Q . -23.61 8.96 -18.71
O4 GAL Q . -22.98 11.43 -17.18
O5 GAL Q . -25.88 12.01 -16.87
O6 GAL Q . -25.83 12.76 -13.87
CA CA R . -21.43 3.95 -17.66
MN MN S . -19.81 0.22 -18.10
S SO4 T . 7.32 -10.09 -40.41
O1 SO4 T . 8.31 -10.31 -41.49
O2 SO4 T . 7.31 -11.26 -39.52
O3 SO4 T . 5.99 -9.92 -41.02
O4 SO4 T . 7.68 -8.88 -39.66
#